data_3ZXL
#
_entry.id   3ZXL
#
_cell.length_a   65.310
_cell.length_b   83.930
_cell.length_c   97.890
_cell.angle_alpha   90.00
_cell.angle_beta   102.81
_cell.angle_gamma   90.00
#
_symmetry.space_group_name_H-M   'P 1 21 1'
#
loop_
_entity.id
_entity.type
_entity.pdbx_description
1 polymer HIAXHD3
2 non-polymer 2-[3-(2-HYDROXY-1,1-DIHYDROXYMETHYL-ETHYLAMINO)-PROPYLAMINO]-2-HYDROXYMETHYL-PROPANE-1,3-DIOL
3 water water
#
_entity_poly.entity_id   1
_entity_poly.type   'polypeptide(L)'
_entity_poly.pdbx_seq_one_letter_code
;MPRQASTFTNPVLWEDHPDLEVFRVGSVFYYSSSTFAYSPGAPVLKSYDLVHWTPVTHSVPRLNFGSNYDLPSGTPGAYV
KGIWASTLRYRRSNDRFYWYGCVEGRTYLWTSPGGNALANNGEVPPSAWNWQHTATIDNCYADAGLLIDDDDTMYIAYGN
PTINVAQLSPDGTRQVRVQQRVYAHPQGQTVAGARMYKIRGNYYILVTRPADAEYVLRSTTGSPFGPYEARTLVSRIQGP
LANAGFAHQGGIVDAPDGTWHYVAFMDAYPGGRIPVVAPLRWTADGWPEVVTDSQGRWGTSYPIPVRGAKNATEGLASTD
LDEFRGTRFSEHWEWNHNPDTSKFTLLGGNEGGLILRTATVTGDLFAARNTLTRRIAGPKASGIFRLDVRGMRDGDRAGA
VLFRDRAAYIGVWKQGNEARIVMVDDLRLNEDGWRTASTGRVAANGPVIDTNAQQDIWLRIDADITPAFGTNTERTTTFY
YSIDGGRTYTRLGPAFAMTNSWRYFTGYRFGVFNFSTKSLGGEVKVKGFKMNMILEHHHHHH
;
_entity_poly.pdbx_strand_id   A,B
#
# COMPACT_ATOMS: atom_id res chain seq x y z
N SER A 6 -20.95 2.76 2.96
CA SER A 6 -19.89 2.31 2.03
C SER A 6 -20.39 2.19 0.56
N THR A 7 -19.92 3.08 -0.32
CA THR A 7 -20.41 3.15 -1.69
C THR A 7 -19.24 3.23 -2.69
N PHE A 8 -19.53 3.24 -3.99
CA PHE A 8 -18.46 3.44 -5.00
C PHE A 8 -19.02 4.31 -6.11
N THR A 9 -18.15 4.93 -6.91
CA THR A 9 -18.60 5.76 -8.02
C THR A 9 -18.10 5.13 -9.31
N ASN A 10 -18.89 5.25 -10.36
CA ASN A 10 -18.50 4.73 -11.66
C ASN A 10 -17.73 5.81 -12.43
N PRO A 11 -16.79 5.42 -13.32
CA PRO A 11 -16.42 4.03 -13.66
C PRO A 11 -15.51 3.44 -12.57
N VAL A 12 -15.43 2.11 -12.51
CA VAL A 12 -14.64 1.49 -11.46
C VAL A 12 -13.13 1.45 -11.76
N LEU A 13 -12.77 1.58 -13.02
CA LEU A 13 -11.36 1.61 -13.40
C LEU A 13 -11.27 2.44 -14.67
N TRP A 14 -10.59 3.57 -14.66
CA TRP A 14 -10.62 4.41 -15.86
C TRP A 14 -9.40 4.05 -16.69
N GLU A 15 -9.31 2.78 -17.08
CA GLU A 15 -8.26 2.32 -18.00
C GLU A 15 -8.90 1.40 -19.04
N ASP A 16 -8.33 1.42 -20.22
CA ASP A 16 -8.83 0.67 -21.37
C ASP A 16 -8.75 -0.84 -21.10
N HIS A 17 -9.85 -1.46 -20.67
CA HIS A 17 -9.92 -2.94 -20.58
C HIS A 17 -11.22 -3.52 -21.21
N PRO A 18 -11.23 -3.63 -22.54
CA PRO A 18 -12.44 -4.01 -23.28
C PRO A 18 -12.76 -5.51 -23.32
N ASP A 19 -13.99 -5.84 -23.72
CA ASP A 19 -14.44 -7.20 -23.94
C ASP A 19 -14.29 -8.08 -22.70
N LEU A 20 -14.68 -7.51 -21.58
CA LEU A 20 -14.41 -8.14 -20.34
C LEU A 20 -15.27 -9.41 -20.14
N GLU A 21 -14.69 -10.38 -19.47
CA GLU A 21 -15.39 -11.56 -18.95
C GLU A 21 -15.14 -11.44 -17.43
N VAL A 22 -16.15 -11.71 -16.59
CA VAL A 22 -15.93 -11.57 -15.17
C VAL A 22 -16.50 -12.79 -14.44
N PHE A 23 -15.80 -13.24 -13.42
CA PHE A 23 -16.33 -14.36 -12.60
C PHE A 23 -15.67 -14.32 -11.20
N ARG A 24 -16.24 -15.10 -10.28
CA ARG A 24 -15.77 -15.17 -8.91
C ARG A 24 -15.21 -16.56 -8.60
N VAL A 25 -14.12 -16.59 -7.84
CA VAL A 25 -13.68 -17.84 -7.20
C VAL A 25 -13.55 -17.51 -5.73
N GLY A 26 -14.43 -18.06 -4.89
CA GLY A 26 -14.43 -17.71 -3.47
C GLY A 26 -14.59 -16.21 -3.20
N SER A 27 -13.61 -15.61 -2.52
CA SER A 27 -13.59 -14.17 -2.20
C SER A 27 -13.00 -13.28 -3.32
N VAL A 28 -12.55 -13.87 -4.42
CA VAL A 28 -11.83 -13.08 -5.46
C VAL A 28 -12.61 -12.98 -6.78
N PHE A 29 -12.70 -11.80 -7.37
CA PHE A 29 -13.30 -11.68 -8.70
C PHE A 29 -12.14 -11.50 -9.67
N TYR A 30 -12.30 -12.06 -10.87
CA TYR A 30 -11.31 -12.02 -11.92
C TYR A 30 -11.96 -11.44 -13.17
N TYR A 31 -11.16 -10.76 -13.98
CA TYR A 31 -11.66 -9.95 -15.12
C TYR A 31 -10.63 -10.17 -16.23
N SER A 32 -11.07 -10.64 -17.39
CA SER A 32 -10.16 -10.88 -18.48
C SER A 32 -10.54 -9.92 -19.62
N SER A 33 -9.58 -9.25 -20.26
CA SER A 33 -9.87 -8.28 -21.35
C SER A 33 -9.11 -8.62 -22.65
N SER A 34 -9.35 -7.86 -23.73
CA SER A 34 -8.81 -8.18 -25.04
C SER A 34 -7.72 -7.18 -25.43
N THR A 35 -6.71 -7.67 -26.17
CA THR A 35 -5.52 -6.84 -26.42
C THR A 35 -4.99 -6.73 -27.87
N PHE A 36 -5.72 -7.30 -28.83
CA PHE A 36 -5.35 -7.11 -30.20
C PHE A 36 -3.89 -7.56 -30.36
N ALA A 37 -3.02 -6.72 -30.92
CA ALA A 37 -1.64 -7.15 -31.21
C ALA A 37 -0.66 -6.79 -30.09
N TYR A 38 -1.15 -6.33 -28.94
CA TYR A 38 -0.25 -6.05 -27.80
C TYR A 38 0.21 -7.36 -27.10
N SER A 39 1.46 -7.42 -26.65
CA SER A 39 2.07 -8.70 -26.21
C SER A 39 2.86 -8.41 -24.93
N PRO A 40 2.57 -9.12 -23.84
CA PRO A 40 1.65 -10.26 -23.63
C PRO A 40 0.20 -9.85 -23.79
N GLY A 41 -0.64 -10.84 -24.15
CA GLY A 41 -2.05 -10.61 -24.48
C GLY A 41 -2.98 -11.14 -23.38
N ALA A 42 -4.22 -10.63 -23.34
CA ALA A 42 -5.28 -11.14 -22.45
C ALA A 42 -4.95 -10.91 -20.95
N PRO A 43 -4.91 -9.66 -20.54
CA PRO A 43 -4.67 -9.42 -19.11
C PRO A 43 -5.79 -9.98 -18.20
N VAL A 44 -5.42 -10.35 -16.97
CA VAL A 44 -6.39 -10.81 -15.98
C VAL A 44 -6.25 -9.80 -14.84
N LEU A 45 -7.34 -9.11 -14.52
CA LEU A 45 -7.36 -8.26 -13.32
C LEU A 45 -8.04 -8.98 -12.16
N LYS A 46 -7.71 -8.55 -10.93
CA LYS A 46 -8.19 -9.17 -9.70
C LYS A 46 -8.81 -8.10 -8.78
N SER A 47 -9.87 -8.44 -8.06
CA SER A 47 -10.54 -7.49 -7.17
C SER A 47 -11.24 -8.26 -6.04
N TYR A 48 -11.32 -7.67 -4.86
CA TYR A 48 -12.10 -8.26 -3.73
C TYR A 48 -13.53 -7.68 -3.64
N ASP A 49 -13.83 -6.65 -4.44
CA ASP A 49 -15.10 -5.95 -4.29
C ASP A 49 -15.75 -5.49 -5.63
N LEU A 50 -15.17 -5.92 -6.75
CA LEU A 50 -15.61 -5.49 -8.10
C LEU A 50 -15.32 -4.02 -8.39
N VAL A 51 -14.64 -3.34 -7.48
CA VAL A 51 -14.41 -1.90 -7.66
C VAL A 51 -12.95 -1.52 -7.76
N HIS A 52 -12.12 -2.09 -6.89
CA HIS A 52 -10.71 -1.82 -6.92
C HIS A 52 -9.99 -2.96 -7.58
N TRP A 53 -9.49 -2.72 -8.78
CA TRP A 53 -8.91 -3.78 -9.59
C TRP A 53 -7.41 -3.61 -9.72
N THR A 54 -6.69 -4.72 -9.71
CA THR A 54 -5.26 -4.67 -10.05
C THR A 54 -4.87 -5.83 -10.99
N PRO A 55 -4.00 -5.55 -11.97
CA PRO A 55 -3.55 -6.56 -12.96
C PRO A 55 -2.66 -7.60 -12.29
N VAL A 56 -2.92 -8.90 -12.52
CA VAL A 56 -2.11 -9.93 -11.84
C VAL A 56 -1.40 -10.89 -12.76
N THR A 57 -1.88 -11.04 -14.01
CA THR A 57 -1.15 -11.94 -14.97
C THR A 57 -1.68 -11.66 -16.36
N HIS A 58 -1.14 -12.32 -17.38
CA HIS A 58 -1.66 -12.28 -18.73
C HIS A 58 -1.80 -13.73 -19.19
N SER A 59 -2.89 -14.05 -19.88
CA SER A 59 -3.15 -15.44 -20.28
C SER A 59 -2.29 -15.88 -21.47
N VAL A 60 -1.74 -14.93 -22.22
CA VAL A 60 -0.97 -15.29 -23.40
C VAL A 60 0.39 -14.54 -23.32
N PRO A 61 1.39 -15.15 -22.67
CA PRO A 61 2.68 -14.46 -22.40
C PRO A 61 3.46 -14.04 -23.66
N ARG A 62 3.23 -14.74 -24.77
CA ARG A 62 3.78 -14.31 -26.05
C ARG A 62 2.79 -14.80 -27.13
N LEU A 63 2.42 -13.92 -28.06
CA LEU A 63 1.34 -14.21 -28.97
C LEU A 63 1.83 -15.30 -29.93
N ASN A 64 1.16 -16.45 -29.98
CA ASN A 64 1.60 -17.54 -30.84
C ASN A 64 0.68 -17.73 -32.04
N PHE A 65 0.26 -16.65 -32.69
CA PHE A 65 -0.80 -16.78 -33.70
C PHE A 65 -0.30 -16.69 -35.17
N GLY A 66 1.01 -16.64 -35.36
CA GLY A 66 1.56 -16.49 -36.70
C GLY A 66 2.72 -15.51 -36.76
N SER A 67 3.53 -15.59 -37.82
CA SER A 67 4.75 -14.79 -37.86
C SER A 67 4.42 -13.31 -37.96
N ASN A 68 3.23 -12.94 -38.43
CA ASN A 68 2.91 -11.49 -38.51
C ASN A 68 2.93 -10.84 -37.11
N TYR A 69 2.69 -11.63 -36.04
CA TYR A 69 2.68 -11.12 -34.68
C TYR A 69 4.09 -10.77 -34.19
N ASP A 70 5.13 -11.17 -34.92
CA ASP A 70 6.49 -10.73 -34.56
C ASP A 70 6.91 -9.44 -35.31
N LEU A 71 5.98 -8.83 -36.06
CA LEU A 71 6.24 -7.57 -36.81
C LEU A 71 7.56 -7.68 -37.58
N PRO A 72 7.65 -8.69 -38.48
CA PRO A 72 8.90 -8.96 -39.22
C PRO A 72 9.15 -7.98 -40.36
N SER A 73 8.12 -7.29 -40.84
CA SER A 73 8.28 -6.54 -42.09
C SER A 73 7.33 -5.35 -42.17
N GLY A 74 7.22 -4.61 -41.07
CA GLY A 74 6.46 -3.37 -41.03
C GLY A 74 4.95 -3.57 -41.13
N THR A 75 4.25 -2.48 -41.39
CA THR A 75 2.79 -2.50 -41.43
C THR A 75 2.39 -3.26 -42.73
N PRO A 76 1.20 -3.90 -42.74
CA PRO A 76 0.19 -3.84 -41.66
C PRO A 76 0.48 -4.78 -40.48
N GLY A 77 1.52 -5.60 -40.56
CA GLY A 77 1.83 -6.54 -39.48
C GLY A 77 0.58 -7.24 -38.99
N ALA A 78 0.35 -7.22 -37.68
CA ALA A 78 -0.90 -7.73 -37.10
C ALA A 78 -1.75 -6.66 -36.42
N TYR A 79 -1.56 -5.39 -36.80
CA TYR A 79 -2.29 -4.33 -36.17
C TYR A 79 -3.79 -4.59 -36.17
N VAL A 80 -4.39 -4.46 -34.99
CA VAL A 80 -5.86 -4.55 -34.86
C VAL A 80 -6.39 -5.95 -35.21
N LYS A 81 -5.49 -6.92 -35.31
CA LYS A 81 -5.91 -8.34 -35.42
C LYS A 81 -5.75 -8.94 -34.01
N GLY A 82 -5.15 -10.14 -33.86
CA GLY A 82 -4.80 -10.63 -32.55
C GLY A 82 -6.03 -10.90 -31.73
N ILE A 83 -6.01 -10.53 -30.45
CA ILE A 83 -7.00 -11.02 -29.49
C ILE A 83 -8.20 -10.07 -29.48
N TRP A 84 -9.31 -10.50 -30.07
CA TRP A 84 -10.58 -9.81 -29.90
C TRP A 84 -11.32 -10.43 -28.69
N ALA A 85 -12.63 -10.23 -28.58
CA ALA A 85 -13.38 -10.75 -27.43
C ALA A 85 -13.12 -12.24 -27.28
N SER A 86 -12.73 -12.64 -26.08
CA SER A 86 -12.25 -13.98 -25.77
C SER A 86 -12.85 -14.35 -24.40
N THR A 87 -12.38 -15.43 -23.80
CA THR A 87 -13.12 -15.90 -22.62
C THR A 87 -12.14 -16.64 -21.68
N LEU A 88 -12.44 -16.54 -20.38
CA LEU A 88 -11.61 -17.10 -19.29
C LEU A 88 -12.54 -17.69 -18.23
N ARG A 89 -12.31 -18.93 -17.80
CA ARG A 89 -13.03 -19.44 -16.62
C ARG A 89 -12.06 -20.27 -15.78
N TYR A 90 -12.35 -20.43 -14.50
CA TYR A 90 -11.53 -21.31 -13.63
C TYR A 90 -12.18 -22.66 -13.39
N ARG A 91 -11.44 -23.76 -13.68
CA ARG A 91 -12.00 -25.09 -13.59
C ARG A 91 -11.59 -25.70 -12.23
N ARG A 92 -12.56 -25.89 -11.33
CA ARG A 92 -12.23 -26.33 -9.95
C ARG A 92 -11.68 -27.77 -9.96
N SER A 93 -12.20 -28.62 -10.84
CA SER A 93 -11.93 -30.08 -10.76
C SER A 93 -10.43 -30.41 -10.92
N ASN A 94 -9.73 -29.64 -11.76
CA ASN A 94 -8.26 -29.81 -11.91
C ASN A 94 -7.44 -28.54 -11.63
N ASP A 95 -8.06 -27.60 -10.92
CA ASP A 95 -7.41 -26.36 -10.43
C ASP A 95 -6.66 -25.70 -11.60
N ARG A 96 -7.37 -25.46 -12.70
CA ARG A 96 -6.72 -24.89 -13.88
C ARG A 96 -7.59 -23.83 -14.53
N PHE A 97 -6.98 -22.71 -14.91
CA PHE A 97 -7.68 -21.62 -15.60
C PHE A 97 -7.59 -21.91 -17.11
N TYR A 98 -8.69 -21.71 -17.82
CA TYR A 98 -8.75 -21.98 -19.26
C TYR A 98 -9.08 -20.65 -20.00
N TRP A 99 -8.17 -20.19 -20.87
CA TRP A 99 -8.43 -19.02 -21.71
C TRP A 99 -8.63 -19.50 -23.16
N TYR A 100 -9.78 -19.17 -23.78
CA TYR A 100 -9.97 -19.45 -25.22
C TYR A 100 -10.12 -18.14 -25.97
N GLY A 101 -9.49 -18.04 -27.12
CA GLY A 101 -9.77 -16.88 -27.98
C GLY A 101 -9.56 -17.20 -29.41
N CYS A 102 -10.43 -16.69 -30.28
CA CYS A 102 -10.32 -17.03 -31.67
C CYS A 102 -9.45 -15.97 -32.36
N VAL A 103 -8.39 -16.36 -33.04
CA VAL A 103 -7.53 -15.35 -33.68
C VAL A 103 -7.31 -15.76 -35.13
N GLU A 104 -7.65 -14.86 -36.05
CA GLU A 104 -7.59 -15.13 -37.49
C GLU A 104 -8.07 -16.55 -37.84
N GLY A 105 -9.26 -16.92 -37.36
CA GLY A 105 -9.91 -18.13 -37.87
C GLY A 105 -9.63 -19.43 -37.13
N ARG A 106 -8.72 -19.42 -36.16
CA ARG A 106 -8.54 -20.61 -35.28
C ARG A 106 -8.68 -20.23 -33.80
N THR A 107 -9.08 -21.17 -32.94
CA THR A 107 -9.33 -20.85 -31.54
C THR A 107 -8.21 -21.43 -30.72
N TYR A 108 -7.51 -20.59 -29.97
CA TYR A 108 -6.35 -21.01 -29.22
C TYR A 108 -6.75 -21.15 -27.76
N LEU A 109 -6.28 -22.24 -27.14
CA LEU A 109 -6.47 -22.50 -25.74
C LEU A 109 -5.14 -22.34 -24.99
N TRP A 110 -5.08 -21.43 -24.02
CA TRP A 110 -3.91 -21.30 -23.13
C TRP A 110 -4.41 -21.64 -21.74
N THR A 111 -3.63 -22.37 -20.93
CA THR A 111 -4.13 -22.68 -19.56
C THR A 111 -3.03 -22.47 -18.57
N SER A 112 -3.40 -22.30 -17.30
CA SER A 112 -2.42 -22.22 -16.17
C SER A 112 -2.98 -22.94 -14.94
N PRO A 113 -2.11 -23.54 -14.12
CA PRO A 113 -2.56 -24.02 -12.79
C PRO A 113 -2.95 -22.85 -11.93
N GLY A 114 -3.78 -23.11 -10.93
CA GLY A 114 -4.25 -22.05 -10.05
C GLY A 114 -3.68 -22.03 -8.62
N GLY A 115 -2.58 -22.72 -8.38
CA GLY A 115 -1.99 -22.75 -7.05
C GLY A 115 -3.00 -23.12 -5.96
N ASN A 116 -3.92 -24.01 -6.31
CA ASN A 116 -4.91 -24.53 -5.39
C ASN A 116 -5.89 -23.44 -4.95
N ALA A 117 -6.28 -22.56 -5.87
CA ALA A 117 -7.14 -21.42 -5.53
C ALA A 117 -8.49 -21.87 -4.92
N LEU A 118 -9.05 -22.98 -5.37
CA LEU A 118 -10.39 -23.36 -4.89
C LEU A 118 -10.39 -23.57 -3.38
N ALA A 119 -9.22 -23.80 -2.81
CA ALA A 119 -9.11 -24.17 -1.39
C ALA A 119 -8.56 -23.02 -0.57
N ASN A 120 -8.36 -21.88 -1.21
CA ASN A 120 -7.76 -20.74 -0.54
C ASN A 120 -8.54 -19.46 -0.81
N ASN A 121 -9.86 -19.62 -0.84
CA ASN A 121 -10.80 -18.55 -1.10
C ASN A 121 -10.55 -17.80 -2.41
N GLY A 122 -10.00 -18.49 -3.40
CA GLY A 122 -9.88 -17.90 -4.75
C GLY A 122 -8.52 -17.25 -4.98
N GLU A 123 -7.66 -17.20 -3.97
CA GLU A 123 -6.32 -16.58 -4.12
C GLU A 123 -5.40 -17.45 -4.97
N VAL A 124 -4.64 -16.83 -5.86
CA VAL A 124 -3.59 -17.55 -6.62
C VAL A 124 -2.26 -16.92 -6.27
N PRO A 125 -1.27 -17.72 -5.81
CA PRO A 125 0.03 -17.12 -5.45
C PRO A 125 0.67 -16.55 -6.70
N PRO A 126 1.28 -15.36 -6.64
CA PRO A 126 1.85 -14.77 -7.85
C PRO A 126 2.78 -15.73 -8.57
N SER A 127 3.46 -16.58 -7.82
CA SER A 127 4.46 -17.46 -8.43
C SER A 127 3.82 -18.69 -9.08
N ALA A 128 2.51 -18.87 -8.93
CA ALA A 128 1.89 -20.08 -9.41
C ALA A 128 1.43 -19.93 -10.86
N TRP A 129 1.13 -18.71 -11.31
CA TRP A 129 0.74 -18.56 -12.71
C TRP A 129 1.83 -19.13 -13.64
N ASN A 130 1.40 -19.95 -14.59
CA ASN A 130 2.33 -20.53 -15.56
C ASN A 130 1.54 -20.88 -16.80
N TRP A 131 1.41 -19.93 -17.73
CA TRP A 131 0.48 -20.09 -18.86
C TRP A 131 1.19 -20.84 -20.00
N GLN A 132 0.54 -21.86 -20.56
CA GLN A 132 1.10 -22.66 -21.65
C GLN A 132 0.03 -22.85 -22.72
N HIS A 133 0.45 -22.83 -23.96
CA HIS A 133 -0.42 -23.14 -25.10
C HIS A 133 -0.84 -24.61 -25.06
N THR A 134 -2.12 -24.85 -24.84
CA THR A 134 -2.62 -26.22 -24.58
C THR A 134 -3.30 -26.86 -25.81
N ALA A 135 -3.91 -26.09 -26.69
CA ALA A 135 -4.63 -26.67 -27.85
C ALA A 135 -4.90 -25.57 -28.87
N THR A 136 -5.12 -25.98 -30.13
CA THR A 136 -5.63 -25.07 -31.14
C THR A 136 -6.79 -25.80 -31.83
N ILE A 137 -7.98 -25.24 -31.74
CA ILE A 137 -9.16 -25.85 -32.35
C ILE A 137 -9.41 -25.14 -33.66
N ASP A 138 -9.59 -25.88 -34.72
CA ASP A 138 -9.66 -25.22 -36.02
C ASP A 138 -11.07 -24.80 -36.38
N ASN A 139 -11.87 -24.47 -35.38
CA ASN A 139 -13.16 -23.85 -35.63
C ASN A 139 -13.06 -22.40 -35.11
N CYS A 140 -13.61 -21.42 -35.82
CA CYS A 140 -13.54 -20.07 -35.30
C CYS A 140 -14.67 -19.83 -34.31
N TYR A 141 -14.35 -19.77 -33.00
CA TYR A 141 -15.30 -19.36 -31.97
C TYR A 141 -15.23 -17.83 -31.73
N ALA A 142 -15.74 -17.11 -32.69
CA ALA A 142 -15.75 -15.63 -32.61
C ALA A 142 -16.58 -15.11 -31.40
N ASP A 143 -16.01 -14.17 -30.66
CA ASP A 143 -16.66 -13.70 -29.43
C ASP A 143 -17.13 -14.89 -28.56
N ALA A 144 -16.18 -15.70 -28.14
CA ALA A 144 -16.47 -16.91 -27.40
C ALA A 144 -16.86 -16.58 -25.95
N GLY A 145 -17.76 -17.38 -25.40
CA GLY A 145 -18.07 -17.35 -23.98
C GLY A 145 -18.10 -18.79 -23.46
N LEU A 146 -17.10 -19.09 -22.65
CA LEU A 146 -16.95 -20.42 -22.04
C LEU A 146 -17.84 -20.56 -20.82
N LEU A 147 -18.47 -21.74 -20.69
CA LEU A 147 -19.12 -22.13 -19.45
C LEU A 147 -18.57 -23.51 -19.03
N ILE A 148 -18.11 -23.63 -17.79
CA ILE A 148 -17.77 -24.91 -17.24
C ILE A 148 -18.98 -25.27 -16.38
N ASP A 149 -19.79 -26.22 -16.87
CA ASP A 149 -21.10 -26.49 -16.31
C ASP A 149 -20.96 -27.18 -14.93
N ASP A 150 -22.08 -27.33 -14.21
CA ASP A 150 -22.05 -27.95 -12.87
C ASP A 150 -21.57 -29.42 -12.86
N ASP A 151 -21.74 -30.11 -13.97
CA ASP A 151 -21.23 -31.50 -14.11
C ASP A 151 -19.84 -31.57 -14.78
N ASP A 152 -19.19 -30.41 -14.93
CA ASP A 152 -17.81 -30.32 -15.44
C ASP A 152 -17.67 -30.48 -16.96
N THR A 153 -18.80 -30.48 -17.69
CA THR A 153 -18.74 -30.44 -19.13
C THR A 153 -18.54 -28.98 -19.62
N MET A 154 -17.72 -28.76 -20.66
CA MET A 154 -17.38 -27.42 -21.08
C MET A 154 -18.12 -27.06 -22.32
N TYR A 155 -18.75 -25.88 -22.33
CA TYR A 155 -19.44 -25.42 -23.53
C TYR A 155 -18.87 -24.06 -23.95
N ILE A 156 -18.96 -23.73 -25.22
CA ILE A 156 -18.60 -22.40 -25.62
C ILE A 156 -19.72 -21.81 -26.46
N ALA A 157 -20.29 -20.68 -26.04
CA ALA A 157 -21.29 -19.97 -26.84
C ALA A 157 -20.49 -19.03 -27.76
N TYR A 158 -20.84 -18.89 -29.03
CA TYR A 158 -20.07 -17.98 -29.86
C TYR A 158 -20.90 -17.55 -31.07
N GLY A 159 -20.40 -16.57 -31.79
CA GLY A 159 -20.97 -16.24 -33.09
C GLY A 159 -21.21 -14.75 -33.25
N ASN A 160 -21.39 -14.33 -34.50
CA ASN A 160 -21.77 -12.97 -34.86
C ASN A 160 -22.07 -13.12 -36.34
N PRO A 161 -23.31 -12.86 -36.78
CA PRO A 161 -24.39 -12.16 -36.09
C PRO A 161 -25.42 -13.07 -35.43
N THR A 162 -25.23 -14.37 -35.46
CA THR A 162 -26.13 -15.26 -34.71
C THR A 162 -25.30 -16.16 -33.76
N ILE A 163 -25.97 -16.81 -32.83
CA ILE A 163 -25.26 -17.50 -31.71
C ILE A 163 -25.37 -19.02 -31.84
N ASN A 164 -24.25 -19.68 -31.64
CA ASN A 164 -24.16 -21.14 -31.65
C ASN A 164 -23.60 -21.61 -30.28
N VAL A 165 -23.80 -22.88 -29.96
CA VAL A 165 -23.18 -23.42 -28.75
C VAL A 165 -22.45 -24.71 -29.09
N ALA A 166 -21.16 -24.76 -28.74
CA ALA A 166 -20.32 -25.97 -28.96
C ALA A 166 -20.11 -26.64 -27.61
N GLN A 167 -20.02 -27.95 -27.60
CA GLN A 167 -19.63 -28.73 -26.43
C GLN A 167 -18.21 -29.22 -26.72
N LEU A 168 -17.32 -29.11 -25.73
CA LEU A 168 -15.95 -29.56 -25.90
C LEU A 168 -15.73 -30.92 -25.25
N SER A 169 -14.66 -31.62 -25.65
CA SER A 169 -14.25 -32.85 -24.99
C SER A 169 -13.90 -32.55 -23.53
N PRO A 170 -13.85 -33.60 -22.69
CA PRO A 170 -13.54 -33.43 -21.25
C PRO A 170 -12.23 -32.65 -20.97
N ASP A 171 -11.22 -32.78 -21.82
CA ASP A 171 -9.99 -32.01 -21.55
C ASP A 171 -10.01 -30.64 -22.22
N GLY A 172 -11.10 -30.32 -22.90
CA GLY A 172 -11.29 -28.96 -23.43
C GLY A 172 -10.51 -28.68 -24.71
N THR A 173 -9.93 -29.72 -25.32
CA THR A 173 -9.10 -29.50 -26.49
C THR A 173 -9.79 -29.78 -27.85
N ARG A 174 -10.96 -30.40 -27.87
CA ARG A 174 -11.70 -30.66 -29.13
C ARG A 174 -13.15 -30.31 -29.03
N GLN A 175 -13.74 -30.01 -30.17
CA GLN A 175 -15.18 -29.93 -30.25
C GLN A 175 -15.78 -31.33 -30.39
N VAL A 176 -16.83 -31.65 -29.62
CA VAL A 176 -17.52 -32.95 -29.77
C VAL A 176 -18.94 -32.80 -30.30
N ARG A 177 -19.50 -31.60 -30.21
CA ARG A 177 -20.87 -31.36 -30.62
C ARG A 177 -21.06 -29.86 -30.81
N VAL A 178 -21.94 -29.53 -31.74
CA VAL A 178 -22.34 -28.11 -31.90
C VAL A 178 -23.80 -28.00 -32.29
N GLN A 179 -24.47 -27.00 -31.72
CA GLN A 179 -25.82 -26.68 -32.16
C GLN A 179 -25.73 -25.27 -32.77
N GLN A 180 -26.01 -25.18 -34.08
CA GLN A 180 -26.06 -23.90 -34.79
C GLN A 180 -27.33 -23.10 -34.46
N ARG A 181 -27.17 -21.79 -34.36
CA ARG A 181 -28.27 -20.85 -34.40
C ARG A 181 -29.21 -21.10 -33.21
N VAL A 182 -28.67 -21.14 -31.99
CA VAL A 182 -29.47 -21.31 -30.80
C VAL A 182 -30.20 -20.01 -30.53
N TYR A 183 -29.74 -18.92 -31.14
CA TYR A 183 -30.45 -17.66 -31.08
C TYR A 183 -30.12 -16.77 -32.28
N ALA A 184 -31.17 -16.19 -32.86
CA ALA A 184 -31.05 -15.19 -33.92
C ALA A 184 -32.01 -14.04 -33.61
N HIS A 185 -31.57 -12.81 -33.76
CA HIS A 185 -32.42 -11.63 -33.51
C HIS A 185 -33.60 -11.67 -34.49
N PRO A 186 -34.83 -11.36 -34.01
CA PRO A 186 -36.04 -11.48 -34.84
C PRO A 186 -36.15 -10.45 -35.98
N GLN A 187 -35.32 -9.40 -36.00
CA GLN A 187 -35.27 -8.46 -37.13
C GLN A 187 -33.98 -8.55 -37.91
N GLY A 188 -33.21 -9.63 -37.68
CA GLY A 188 -31.99 -9.83 -38.40
C GLY A 188 -30.88 -8.89 -37.95
N GLN A 189 -31.08 -8.18 -36.85
CA GLN A 189 -29.97 -7.38 -36.34
C GLN A 189 -28.85 -8.23 -35.75
N THR A 190 -27.65 -7.67 -35.76
CA THR A 190 -26.46 -8.33 -35.26
C THR A 190 -26.47 -8.49 -33.73
N VAL A 191 -26.18 -9.70 -33.26
CA VAL A 191 -25.78 -9.89 -31.87
C VAL A 191 -24.42 -10.56 -31.84
N ALA A 192 -23.72 -10.42 -30.72
CA ALA A 192 -22.36 -10.89 -30.64
C ALA A 192 -21.95 -10.83 -29.16
N GLY A 193 -20.69 -11.08 -28.87
CA GLY A 193 -20.21 -10.81 -27.51
C GLY A 193 -20.69 -11.81 -26.44
N ALA A 194 -20.94 -13.06 -26.83
CA ALA A 194 -21.49 -14.07 -25.88
C ALA A 194 -20.66 -14.28 -24.58
N ARG A 195 -21.37 -14.25 -23.44
CA ARG A 195 -20.90 -14.78 -22.15
C ARG A 195 -21.95 -15.83 -21.72
N MET A 196 -21.53 -16.96 -21.12
CA MET A 196 -22.48 -18.07 -20.92
C MET A 196 -22.45 -18.50 -19.49
N TYR A 197 -23.62 -18.82 -18.92
CA TYR A 197 -23.73 -18.97 -17.45
C TYR A 197 -24.67 -20.14 -17.13
N LYS A 198 -24.46 -20.80 -16.00
CA LYS A 198 -25.42 -21.75 -15.45
C LYS A 198 -25.90 -21.12 -14.15
N ILE A 199 -27.17 -20.73 -14.05
CA ILE A 199 -27.64 -19.99 -12.86
C ILE A 199 -28.99 -20.52 -12.44
N ARG A 200 -29.13 -20.91 -11.17
CA ARG A 200 -30.44 -21.37 -10.67
C ARG A 200 -31.08 -22.44 -11.58
N GLY A 201 -30.30 -23.44 -11.96
CA GLY A 201 -30.80 -24.57 -12.73
C GLY A 201 -31.05 -24.30 -14.19
N ASN A 202 -30.74 -23.11 -14.70
CA ASN A 202 -30.96 -22.88 -16.15
C ASN A 202 -29.76 -22.22 -16.83
N TYR A 203 -29.76 -22.18 -18.16
CA TYR A 203 -28.62 -21.64 -18.89
C TYR A 203 -28.97 -20.29 -19.45
N TYR A 204 -28.03 -19.38 -19.39
CA TYR A 204 -28.23 -18.01 -19.82
C TYR A 204 -27.02 -17.61 -20.66
N ILE A 205 -27.24 -16.78 -21.68
CA ILE A 205 -26.15 -16.21 -22.45
C ILE A 205 -26.39 -14.72 -22.55
N LEU A 206 -25.39 -13.94 -22.23
CA LEU A 206 -25.51 -12.48 -22.39
C LEU A 206 -24.98 -12.14 -23.78
N VAL A 207 -25.70 -11.36 -24.58
CA VAL A 207 -25.15 -10.91 -25.87
C VAL A 207 -25.34 -9.41 -26.03
N THR A 208 -24.44 -8.80 -26.78
CA THR A 208 -24.58 -7.36 -27.07
C THR A 208 -25.25 -7.18 -28.46
N ARG A 209 -26.11 -6.16 -28.57
CA ARG A 209 -26.60 -5.64 -29.85
C ARG A 209 -25.77 -4.39 -30.09
N PRO A 210 -24.67 -4.47 -30.88
CA PRO A 210 -23.71 -3.35 -30.93
C PRO A 210 -24.30 -2.00 -31.38
N ALA A 211 -23.89 -0.90 -30.78
CA ALA A 211 -23.09 -0.94 -29.57
C ALA A 211 -23.88 -0.18 -28.50
N ASP A 212 -25.19 -0.39 -28.47
CA ASP A 212 -26.06 0.34 -27.55
C ASP A 212 -26.98 -0.53 -26.72
N ALA A 213 -26.89 -1.85 -26.83
CA ALA A 213 -27.81 -2.68 -26.00
C ALA A 213 -27.18 -4.00 -25.59
N GLU A 214 -27.69 -4.57 -24.51
CA GLU A 214 -27.31 -5.94 -24.07
C GLU A 214 -28.59 -6.73 -23.92
N TYR A 215 -28.63 -7.96 -24.40
CA TYR A 215 -29.78 -8.83 -24.16
C TYR A 215 -29.37 -9.96 -23.21
N VAL A 216 -30.33 -10.48 -22.45
CA VAL A 216 -30.11 -11.69 -21.63
C VAL A 216 -30.95 -12.78 -22.27
N LEU A 217 -30.29 -13.87 -22.67
CA LEU A 217 -30.93 -15.00 -23.32
C LEU A 217 -31.06 -16.13 -22.32
N ARG A 218 -32.16 -16.88 -22.39
CA ARG A 218 -32.37 -17.98 -21.45
C ARG A 218 -32.86 -19.17 -22.23
N SER A 219 -32.29 -20.33 -21.92
CA SER A 219 -32.67 -21.54 -22.60
C SER A 219 -34.14 -21.86 -22.39
N THR A 220 -34.88 -22.10 -23.46
CA THR A 220 -36.32 -22.43 -23.29
C THR A 220 -36.56 -23.88 -22.92
N THR A 221 -35.58 -24.74 -23.08
CA THR A 221 -35.79 -26.16 -22.83
C THR A 221 -35.05 -26.66 -21.59
N GLY A 222 -34.18 -25.82 -21.03
CA GLY A 222 -33.34 -26.24 -19.93
C GLY A 222 -32.06 -26.91 -20.40
N SER A 223 -31.91 -27.11 -21.72
CA SER A 223 -30.65 -27.61 -22.29
C SER A 223 -29.69 -26.46 -22.62
N PRO A 224 -28.36 -26.72 -22.55
CA PRO A 224 -27.37 -25.66 -22.88
C PRO A 224 -27.41 -25.36 -24.36
N PHE A 225 -27.96 -26.29 -25.15
CA PHE A 225 -28.12 -26.08 -26.58
C PHE A 225 -29.37 -25.26 -26.92
N GLY A 226 -30.14 -24.84 -25.92
CA GLY A 226 -31.26 -23.95 -26.21
C GLY A 226 -32.45 -24.68 -26.82
N PRO A 227 -33.15 -24.01 -27.75
CA PRO A 227 -32.89 -22.63 -28.20
C PRO A 227 -33.12 -21.63 -27.05
N TYR A 228 -32.81 -20.35 -27.25
CA TYR A 228 -32.82 -19.34 -26.20
C TYR A 228 -33.82 -18.27 -26.60
N GLU A 229 -34.57 -17.76 -25.61
CA GLU A 229 -35.39 -16.53 -25.78
C GLU A 229 -34.73 -15.34 -25.11
N ALA A 230 -35.01 -14.14 -25.65
CA ALA A 230 -34.29 -12.93 -25.26
C ALA A 230 -35.17 -12.00 -24.44
N ARG A 231 -34.58 -11.28 -23.50
CA ARG A 231 -35.24 -10.13 -22.86
C ARG A 231 -34.21 -9.01 -22.86
N THR A 232 -34.65 -7.75 -22.81
CA THR A 232 -33.64 -6.67 -22.83
C THR A 232 -33.02 -6.50 -21.44
N LEU A 233 -31.69 -6.40 -21.36
CA LEU A 233 -31.04 -6.08 -20.08
C LEU A 233 -30.79 -4.57 -20.02
N VAL A 234 -30.13 -4.01 -21.03
CA VAL A 234 -30.19 -2.54 -21.17
C VAL A 234 -30.31 -2.21 -22.62
N SER A 235 -30.91 -1.06 -22.92
CA SER A 235 -30.92 -0.62 -24.34
C SER A 235 -30.89 0.88 -24.31
N ARG A 236 -29.79 1.45 -24.81
CA ARG A 236 -29.63 2.90 -24.84
C ARG A 236 -29.84 3.50 -23.46
N ILE A 237 -29.30 2.86 -22.42
CA ILE A 237 -29.49 3.42 -21.07
C ILE A 237 -28.60 4.66 -20.91
N GLN A 238 -29.06 5.66 -20.15
CA GLN A 238 -28.25 6.85 -19.95
C GLN A 238 -27.37 6.68 -18.72
N GLY A 239 -26.22 7.36 -18.73
CA GLY A 239 -25.29 7.37 -17.62
C GLY A 239 -24.38 6.13 -17.70
N PRO A 240 -23.38 6.05 -16.83
CA PRO A 240 -23.05 7.00 -15.76
C PRO A 240 -22.00 8.02 -16.22
N LEU A 241 -21.63 8.00 -17.50
CA LEU A 241 -20.69 8.99 -18.09
C LEU A 241 -21.23 9.61 -19.36
N ALA A 242 -20.97 10.91 -19.58
CA ALA A 242 -21.35 11.56 -20.82
C ALA A 242 -20.27 11.34 -21.92
N ASN A 243 -20.69 11.40 -23.19
CA ASN A 243 -19.76 11.39 -24.32
C ASN A 243 -18.92 10.12 -24.36
N ALA A 244 -19.54 9.03 -23.95
CA ALA A 244 -18.84 7.76 -23.91
C ALA A 244 -19.70 6.62 -24.44
N GLY A 245 -20.57 6.92 -25.39
CA GLY A 245 -21.42 5.88 -26.00
C GLY A 245 -22.37 5.32 -24.94
N PHE A 246 -22.65 4.03 -25.03
CA PHE A 246 -23.58 3.38 -24.12
C PHE A 246 -22.95 2.22 -23.34
N ALA A 247 -23.33 2.08 -22.07
CA ALA A 247 -22.95 0.88 -21.31
C ALA A 247 -23.48 -0.37 -22.03
N HIS A 248 -22.59 -1.30 -22.42
CA HIS A 248 -23.03 -2.52 -23.08
C HIS A 248 -21.95 -3.60 -22.95
N GLN A 249 -22.24 -4.75 -23.52
CA GLN A 249 -21.37 -5.93 -23.45
C GLN A 249 -21.02 -6.27 -21.99
N GLY A 250 -19.87 -6.89 -21.77
CA GLY A 250 -19.48 -7.28 -20.41
C GLY A 250 -20.21 -8.54 -19.96
N GLY A 251 -20.34 -8.70 -18.64
CA GLY A 251 -20.89 -9.92 -18.06
C GLY A 251 -21.48 -9.68 -16.68
N ILE A 252 -22.03 -10.76 -16.11
CA ILE A 252 -22.68 -10.67 -14.82
C ILE A 252 -21.99 -11.62 -13.86
N VAL A 253 -22.08 -11.33 -12.57
CA VAL A 253 -21.35 -12.09 -11.55
C VAL A 253 -22.00 -11.90 -10.19
N ASP A 254 -21.97 -12.97 -9.40
CA ASP A 254 -22.52 -12.99 -8.05
C ASP A 254 -21.41 -12.72 -7.07
N ALA A 255 -21.75 -12.01 -6.01
CA ALA A 255 -20.88 -11.78 -4.86
C ALA A 255 -21.07 -12.91 -3.88
N PRO A 256 -20.17 -13.03 -2.87
CA PRO A 256 -20.30 -14.13 -1.91
C PRO A 256 -21.64 -14.14 -1.18
N ASP A 257 -22.24 -12.98 -0.97
CA ASP A 257 -23.52 -12.90 -0.25
C ASP A 257 -24.74 -13.15 -1.13
N GLY A 258 -24.50 -13.62 -2.36
CA GLY A 258 -25.56 -13.99 -3.28
C GLY A 258 -26.12 -12.92 -4.18
N THR A 259 -25.82 -11.65 -3.94
CA THR A 259 -26.37 -10.56 -4.75
C THR A 259 -25.60 -10.54 -6.08
N TRP A 260 -26.25 -10.14 -7.17
CA TRP A 260 -25.65 -10.17 -8.50
C TRP A 260 -25.34 -8.76 -8.99
N HIS A 261 -24.34 -8.66 -9.85
CA HIS A 261 -23.97 -7.39 -10.47
C HIS A 261 -23.69 -7.53 -11.98
N TYR A 262 -23.92 -6.45 -12.72
CA TYR A 262 -23.64 -6.39 -14.14
C TYR A 262 -22.41 -5.48 -14.30
N VAL A 263 -21.34 -6.01 -14.89
CA VAL A 263 -20.13 -5.23 -15.17
C VAL A 263 -20.11 -5.04 -16.69
N ALA A 264 -20.36 -3.82 -17.16
CA ALA A 264 -20.44 -3.49 -18.60
C ALA A 264 -19.29 -2.56 -18.93
N PHE A 265 -19.11 -2.15 -20.18
CA PHE A 265 -18.09 -1.14 -20.40
C PHE A 265 -18.67 -0.08 -21.32
N MET A 266 -18.03 1.08 -21.33
CA MET A 266 -18.45 2.20 -22.14
C MET A 266 -17.39 2.60 -23.16
N ASP A 267 -17.83 3.20 -24.28
CA ASP A 267 -16.92 3.66 -25.33
C ASP A 267 -16.32 5.03 -24.96
N ALA A 268 -15.50 5.08 -23.93
CA ALA A 268 -14.91 6.36 -23.43
C ALA A 268 -13.68 6.82 -24.24
N TYR A 269 -13.77 6.77 -25.58
CA TYR A 269 -12.69 7.26 -26.47
C TYR A 269 -12.57 8.75 -26.21
N PRO A 270 -11.34 9.30 -26.24
CA PRO A 270 -10.15 8.60 -26.77
C PRO A 270 -9.36 7.78 -25.73
N GLY A 271 -9.87 7.64 -24.52
CA GLY A 271 -9.16 6.88 -23.52
C GLY A 271 -9.26 5.38 -23.76
N GLY A 272 -10.35 4.97 -24.41
CA GLY A 272 -10.61 3.56 -24.68
C GLY A 272 -11.91 3.10 -24.02
N ARG A 273 -11.99 1.81 -23.62
CA ARG A 273 -13.28 1.25 -23.20
C ARG A 273 -13.17 0.79 -21.75
N ILE A 274 -13.99 1.35 -20.87
CA ILE A 274 -13.73 1.27 -19.44
C ILE A 274 -14.96 0.73 -18.71
N PRO A 275 -14.72 -0.08 -17.64
CA PRO A 275 -15.81 -0.81 -16.97
C PRO A 275 -16.67 0.04 -16.00
N VAL A 276 -17.97 -0.17 -16.01
CA VAL A 276 -18.92 0.44 -15.07
C VAL A 276 -19.72 -0.74 -14.46
N VAL A 277 -20.19 -0.59 -13.23
CA VAL A 277 -20.86 -1.68 -12.48
C VAL A 277 -22.24 -1.18 -11.98
N ALA A 278 -23.27 -2.01 -12.11
CA ALA A 278 -24.56 -1.75 -11.43
C ALA A 278 -25.04 -3.03 -10.76
N PRO A 279 -25.87 -2.93 -9.68
CA PRO A 279 -26.47 -4.15 -9.10
C PRO A 279 -27.50 -4.75 -10.05
N LEU A 280 -27.83 -6.03 -9.85
CA LEU A 280 -28.88 -6.69 -10.61
C LEU A 280 -29.89 -7.22 -9.61
N ARG A 281 -31.15 -7.26 -9.99
CA ARG A 281 -32.13 -7.97 -9.18
C ARG A 281 -32.74 -9.03 -10.07
N TRP A 282 -33.22 -10.10 -9.47
CA TRP A 282 -33.83 -11.20 -10.22
C TRP A 282 -35.33 -11.15 -10.02
N THR A 283 -36.10 -11.22 -11.11
CA THR A 283 -37.54 -11.31 -11.01
C THR A 283 -37.97 -12.67 -10.48
N ALA A 284 -39.22 -12.71 -9.99
CA ALA A 284 -39.83 -13.94 -9.52
C ALA A 284 -39.72 -15.05 -10.57
N ASP A 285 -39.92 -14.70 -11.84
CA ASP A 285 -39.91 -15.74 -12.87
C ASP A 285 -38.55 -15.91 -13.57
N GLY A 286 -37.48 -15.48 -12.90
CA GLY A 286 -36.13 -15.91 -13.26
C GLY A 286 -35.39 -15.07 -14.29
N TRP A 287 -35.70 -13.77 -14.43
CA TRP A 287 -34.90 -12.91 -15.32
C TRP A 287 -34.16 -11.82 -14.53
N PRO A 288 -32.92 -11.51 -14.93
CA PRO A 288 -32.15 -10.45 -14.26
C PRO A 288 -32.54 -9.07 -14.77
N GLU A 289 -32.58 -8.03 -13.93
CA GLU A 289 -32.84 -6.67 -14.41
C GLU A 289 -31.83 -5.76 -13.72
N VAL A 290 -31.38 -4.71 -14.40
CA VAL A 290 -30.46 -3.76 -13.81
C VAL A 290 -31.21 -2.84 -12.82
N VAL A 291 -30.64 -2.62 -11.64
CA VAL A 291 -31.14 -1.63 -10.67
C VAL A 291 -30.63 -0.24 -11.05
N THR A 292 -31.50 0.61 -11.57
CA THR A 292 -31.09 1.96 -11.99
C THR A 292 -31.16 2.91 -10.80
N ASP A 293 -30.73 4.16 -10.97
CA ASP A 293 -30.97 5.19 -9.96
C ASP A 293 -32.40 5.67 -10.10
N SER A 294 -32.76 6.71 -9.36
CA SER A 294 -34.17 7.09 -9.24
C SER A 294 -34.71 7.69 -10.55
N GLN A 295 -33.84 7.93 -11.52
CA GLN A 295 -34.29 8.44 -12.81
C GLN A 295 -34.19 7.44 -13.97
N GLY A 296 -34.00 6.16 -13.69
CA GLY A 296 -33.88 5.17 -14.75
C GLY A 296 -32.52 5.12 -15.45
N ARG A 297 -31.52 5.80 -14.91
CA ARG A 297 -30.18 5.79 -15.51
C ARG A 297 -29.25 4.82 -14.78
N TRP A 298 -28.16 4.45 -15.44
CA TRP A 298 -27.10 3.66 -14.83
C TRP A 298 -26.50 4.59 -13.80
N GLY A 299 -26.48 4.18 -12.55
CA GLY A 299 -26.12 5.10 -11.48
C GLY A 299 -24.67 5.55 -11.48
N THR A 300 -24.41 6.79 -11.09
CA THR A 300 -23.03 7.24 -10.92
C THR A 300 -22.43 6.69 -9.63
N SER A 301 -23.25 6.33 -8.65
CA SER A 301 -22.71 5.57 -7.54
C SER A 301 -23.69 4.58 -6.95
N TYR A 302 -23.17 3.55 -6.34
CA TYR A 302 -24.03 2.51 -5.81
C TYR A 302 -23.39 2.01 -4.53
N PRO A 303 -24.10 1.16 -3.80
CA PRO A 303 -23.51 0.53 -2.61
C PRO A 303 -22.33 -0.38 -3.03
N ILE A 304 -21.31 -0.45 -2.19
CA ILE A 304 -20.16 -1.30 -2.46
C ILE A 304 -20.64 -2.75 -2.61
N PRO A 305 -20.15 -3.50 -3.63
CA PRO A 305 -20.71 -4.85 -3.83
C PRO A 305 -20.31 -5.86 -2.77
N VAL A 306 -19.12 -5.69 -2.19
CA VAL A 306 -18.73 -6.55 -1.09
C VAL A 306 -18.30 -5.66 0.06
N ARG A 307 -18.95 -5.84 1.21
CA ARG A 307 -18.59 -5.07 2.41
C ARG A 307 -17.42 -5.70 3.15
N GLY A 308 -16.57 -4.87 3.73
CA GLY A 308 -15.42 -5.33 4.51
C GLY A 308 -14.46 -6.16 3.67
N ALA A 309 -14.26 -5.77 2.42
CA ALA A 309 -13.47 -6.57 1.50
C ALA A 309 -11.98 -6.52 1.86
N LYS A 310 -11.26 -7.60 1.60
CA LYS A 310 -9.81 -7.66 1.86
C LYS A 310 -9.04 -6.55 1.14
N ASN A 311 -7.87 -6.23 1.69
CA ASN A 311 -7.02 -5.18 1.14
C ASN A 311 -6.02 -5.66 0.08
N ALA A 312 -5.89 -4.85 -0.97
CA ALA A 312 -4.73 -4.75 -1.87
C ALA A 312 -3.43 -5.55 -1.57
N THR A 313 -2.31 -4.82 -1.57
CA THR A 313 -0.93 -5.37 -1.62
C THR A 313 -0.73 -6.20 -2.90
N GLU A 314 -0.16 -5.57 -3.92
CA GLU A 314 -0.40 -6.01 -5.30
C GLU A 314 0.73 -6.77 -6.01
N GLY A 315 1.83 -6.13 -6.43
CA GLY A 315 2.30 -4.85 -5.90
C GLY A 315 2.03 -3.53 -6.63
N LEU A 316 2.69 -3.25 -7.76
CA LEU A 316 2.65 -1.86 -8.27
C LEU A 316 1.27 -1.44 -8.77
N ALA A 317 0.72 -0.38 -8.18
CA ALA A 317 -0.47 0.30 -8.69
C ALA A 317 -0.14 1.02 -10.02
N SER A 318 -1.15 1.32 -10.82
CA SER A 318 -0.96 2.11 -12.06
C SER A 318 -0.11 3.39 -11.86
N THR A 319 -0.31 4.06 -10.74
CA THR A 319 0.41 5.31 -10.48
C THR A 319 1.72 5.19 -9.65
N ASP A 320 2.13 3.98 -9.23
CA ASP A 320 3.38 3.81 -8.49
C ASP A 320 4.58 3.96 -9.42
N LEU A 321 5.64 4.57 -8.90
CA LEU A 321 6.93 4.64 -9.62
C LEU A 321 7.38 3.24 -10.00
N ASP A 322 7.82 3.06 -11.25
CA ASP A 322 8.31 1.74 -11.69
C ASP A 322 9.72 1.95 -12.20
N GLU A 323 10.72 1.46 -11.47
CA GLU A 323 12.11 1.58 -11.92
C GLU A 323 12.61 0.25 -12.49
N PHE A 324 11.66 -0.61 -12.87
CA PHE A 324 11.98 -1.90 -13.51
C PHE A 324 12.85 -2.76 -12.59
N ARG A 325 12.46 -2.84 -11.32
CA ARG A 325 13.22 -3.67 -10.39
C ARG A 325 12.96 -5.16 -10.70
N GLY A 326 13.82 -6.05 -10.27
CA GLY A 326 13.62 -7.47 -10.57
C GLY A 326 13.66 -7.79 -12.06
N THR A 327 13.37 -9.04 -12.41
CA THR A 327 13.61 -9.50 -13.76
C THR A 327 12.38 -9.84 -14.56
N ARG A 328 11.19 -9.48 -14.07
CA ARG A 328 10.03 -9.50 -14.99
C ARG A 328 9.32 -8.13 -15.01
N PHE A 329 8.66 -7.78 -16.12
CA PHE A 329 7.81 -6.59 -16.15
C PHE A 329 6.65 -6.63 -15.16
N SER A 330 6.25 -5.48 -14.60
CA SER A 330 4.99 -5.45 -13.85
C SER A 330 3.89 -5.76 -14.88
N GLU A 331 2.71 -6.07 -14.38
CA GLU A 331 1.62 -6.48 -15.23
C GLU A 331 1.02 -5.30 -16.02
N HIS A 332 1.49 -4.08 -15.79
CA HIS A 332 0.95 -2.94 -16.52
C HIS A 332 1.49 -2.83 -17.99
N TRP A 333 2.63 -3.48 -18.27
CA TRP A 333 3.34 -3.22 -19.52
C TRP A 333 3.04 -4.24 -20.60
N GLU A 334 2.88 -3.79 -21.84
CA GLU A 334 2.73 -4.69 -23.00
C GLU A 334 3.47 -4.08 -24.18
N TRP A 335 4.17 -4.90 -24.95
CA TRP A 335 4.85 -4.44 -26.17
C TRP A 335 3.83 -4.29 -27.29
N ASN A 336 4.15 -3.43 -28.26
CA ASN A 336 3.41 -3.41 -29.51
C ASN A 336 3.94 -4.56 -30.40
N HIS A 337 3.11 -5.58 -30.61
CA HIS A 337 3.53 -6.86 -31.18
C HIS A 337 4.55 -7.59 -30.29
N ASN A 338 4.89 -8.82 -30.66
CA ASN A 338 5.82 -9.60 -29.83
C ASN A 338 7.18 -8.91 -29.84
N PRO A 339 7.86 -8.84 -28.69
CA PRO A 339 9.20 -8.20 -28.67
C PRO A 339 10.28 -9.13 -29.26
N ASP A 340 11.38 -8.54 -29.74
CA ASP A 340 12.58 -9.32 -30.02
C ASP A 340 13.35 -9.45 -28.68
N THR A 341 13.27 -10.59 -28.00
CA THR A 341 13.85 -10.73 -26.67
C THR A 341 15.39 -10.68 -26.64
N SER A 342 16.04 -10.79 -27.79
CA SER A 342 17.51 -10.59 -27.85
C SER A 342 17.89 -9.11 -27.79
N LYS A 343 16.91 -8.22 -27.88
CA LYS A 343 17.25 -6.79 -27.96
C LYS A 343 16.77 -6.01 -26.75
N PHE A 344 16.24 -6.68 -25.72
CA PHE A 344 16.03 -5.92 -24.47
C PHE A 344 16.52 -6.75 -23.29
N THR A 345 16.82 -6.06 -22.20
CA THR A 345 17.32 -6.72 -21.02
C THR A 345 16.79 -5.98 -19.79
N LEU A 346 16.11 -6.69 -18.88
CA LEU A 346 15.78 -6.16 -17.56
C LEU A 346 16.93 -6.51 -16.66
N LEU A 347 17.70 -5.53 -16.19
CA LEU A 347 18.94 -5.83 -15.46
C LEU A 347 18.68 -6.41 -14.05
N GLY A 348 17.56 -6.03 -13.45
CA GLY A 348 17.11 -6.63 -12.19
C GLY A 348 17.67 -5.94 -10.94
N GLY A 349 17.30 -6.45 -9.77
CA GLY A 349 17.80 -5.90 -8.52
C GLY A 349 17.06 -4.63 -8.17
N ASN A 350 17.40 -4.07 -7.00
CA ASN A 350 16.86 -2.82 -6.53
C ASN A 350 17.13 -1.68 -7.48
N GLU A 351 18.29 -1.73 -8.15
CA GLU A 351 18.69 -0.66 -9.03
C GLU A 351 17.84 -0.71 -10.31
N GLY A 352 17.47 -1.91 -10.71
CA GLY A 352 16.60 -2.08 -11.88
C GLY A 352 17.15 -1.44 -13.16
N GLY A 353 16.26 -0.99 -14.05
CA GLY A 353 16.65 -0.38 -15.31
C GLY A 353 16.37 -1.36 -16.46
N LEU A 354 15.90 -0.82 -17.57
CA LEU A 354 15.50 -1.60 -18.77
C LEU A 354 16.42 -1.15 -19.90
N ILE A 355 17.17 -2.05 -20.48
CA ILE A 355 17.94 -1.69 -21.65
C ILE A 355 17.12 -1.99 -22.95
N LEU A 356 16.96 -1.00 -23.81
CA LEU A 356 16.32 -1.24 -25.10
C LEU A 356 17.38 -1.04 -26.15
N ARG A 357 17.85 -2.12 -26.76
CA ARG A 357 18.73 -2.02 -27.93
C ARG A 357 17.89 -1.88 -29.17
N THR A 358 18.33 -1.06 -30.14
CA THR A 358 17.49 -0.92 -31.35
C THR A 358 17.28 -2.29 -31.99
N ALA A 359 16.06 -2.57 -32.45
CA ALA A 359 15.72 -3.92 -32.91
C ALA A 359 15.34 -3.92 -34.37
N THR A 360 15.10 -2.72 -34.92
CA THR A 360 14.63 -2.62 -36.30
C THR A 360 15.28 -1.43 -36.96
N VAL A 361 15.64 -1.59 -38.23
CA VAL A 361 16.11 -0.45 -39.01
C VAL A 361 14.95 -0.03 -39.90
N THR A 362 14.46 1.19 -39.72
CA THR A 362 13.25 1.64 -40.42
C THR A 362 13.13 3.14 -40.25
N GLY A 363 12.39 3.81 -41.13
CA GLY A 363 12.09 5.23 -40.92
C GLY A 363 10.73 5.41 -40.25
N ASP A 364 10.07 4.29 -39.97
CA ASP A 364 8.63 4.24 -39.69
C ASP A 364 8.37 3.71 -38.31
N LEU A 365 7.95 4.54 -37.36
CA LEU A 365 7.78 4.06 -35.98
C LEU A 365 6.81 2.84 -35.94
N PHE A 366 5.77 2.81 -36.78
CA PHE A 366 4.84 1.64 -36.75
C PHE A 366 5.52 0.31 -37.13
N ALA A 367 6.67 0.40 -37.78
CA ALA A 367 7.41 -0.81 -38.22
C ALA A 367 8.41 -1.23 -37.15
N ALA A 368 8.65 -0.38 -36.17
CA ALA A 368 9.70 -0.65 -35.18
C ALA A 368 9.28 -1.71 -34.14
N ARG A 369 10.12 -2.72 -33.94
CA ARG A 369 9.91 -3.65 -32.81
C ARG A 369 10.31 -3.01 -31.47
N ASN A 370 9.83 -3.61 -30.38
CA ASN A 370 10.25 -3.27 -29.03
C ASN A 370 9.85 -1.85 -28.60
N THR A 371 8.68 -1.42 -29.06
CA THR A 371 8.00 -0.27 -28.40
C THR A 371 7.19 -0.78 -27.20
N LEU A 372 7.48 -0.28 -26.00
CA LEU A 372 6.89 -0.82 -24.76
C LEU A 372 5.78 0.14 -24.30
N THR A 373 4.56 -0.35 -24.04
CA THR A 373 3.41 0.57 -23.83
C THR A 373 2.61 0.29 -22.55
N ARG A 374 1.79 1.23 -22.10
CA ARG A 374 0.89 0.92 -21.01
C ARG A 374 -0.30 1.89 -21.08
N ARG A 375 -1.35 1.54 -20.38
CA ARG A 375 -2.63 2.27 -20.48
C ARG A 375 -2.58 3.59 -19.75
N ILE A 376 -3.36 4.53 -20.25
CA ILE A 376 -3.47 5.84 -19.68
C ILE A 376 -4.67 5.83 -18.72
N ALA A 377 -4.46 6.17 -17.46
CA ALA A 377 -5.61 6.32 -16.55
C ALA A 377 -6.33 7.66 -16.76
N GLY A 378 -7.67 7.68 -16.75
CA GLY A 378 -8.38 8.91 -16.97
C GLY A 378 -8.94 9.58 -15.72
N PRO A 379 -9.53 10.77 -15.88
CA PRO A 379 -9.72 11.42 -17.21
C PRO A 379 -8.47 12.13 -17.75
N LYS A 380 -7.48 12.41 -16.91
CA LYS A 380 -6.30 13.12 -17.37
C LYS A 380 -5.11 12.59 -16.58
N ALA A 381 -3.99 12.39 -17.26
CA ALA A 381 -2.82 11.80 -16.62
C ALA A 381 -1.54 12.24 -17.33
N SER A 382 -0.45 12.25 -16.57
CA SER A 382 0.85 12.68 -17.08
C SER A 382 1.74 11.45 -16.97
N GLY A 383 2.43 11.09 -18.04
CA GLY A 383 3.31 9.91 -18.00
C GLY A 383 4.76 10.37 -18.19
N ILE A 384 5.67 9.96 -17.31
CA ILE A 384 7.04 10.51 -17.32
C ILE A 384 8.03 9.40 -17.39
N PHE A 385 8.84 9.39 -18.46
CA PHE A 385 9.89 8.39 -18.63
C PHE A 385 11.23 9.07 -18.32
N ARG A 386 12.07 8.38 -17.58
CA ARG A 386 13.41 8.89 -17.29
C ARG A 386 14.44 7.99 -18.01
N LEU A 387 15.29 8.58 -18.83
CA LEU A 387 16.19 7.78 -19.66
C LEU A 387 17.67 8.19 -19.55
N ASP A 388 18.54 7.27 -19.95
CA ASP A 388 19.99 7.53 -20.22
C ASP A 388 20.19 7.17 -21.70
N VAL A 389 20.44 8.15 -22.55
CA VAL A 389 20.51 7.91 -23.99
C VAL A 389 21.96 8.01 -24.52
N ARG A 390 22.92 7.98 -23.60
CA ARG A 390 24.32 8.04 -24.01
C ARG A 390 24.69 6.96 -25.03
N GLY A 391 24.00 5.81 -24.98
CA GLY A 391 24.34 4.66 -25.83
C GLY A 391 23.78 4.76 -27.28
N MET A 392 23.12 5.86 -27.60
CA MET A 392 22.51 5.99 -28.96
C MET A 392 23.59 6.16 -30.05
N ARG A 393 23.35 5.62 -31.23
CA ARG A 393 24.31 5.73 -32.34
C ARG A 393 23.65 6.44 -33.52
N ASP A 394 24.48 6.75 -34.51
CA ASP A 394 24.05 7.54 -35.64
C ASP A 394 22.79 6.93 -36.29
N GLY A 395 21.71 7.72 -36.34
CA GLY A 395 20.49 7.27 -37.00
C GLY A 395 19.44 6.79 -35.99
N ASP A 396 19.77 6.72 -34.71
CA ASP A 396 18.81 6.24 -33.72
C ASP A 396 17.74 7.30 -33.38
N ARG A 397 16.54 6.83 -33.04
CA ARG A 397 15.42 7.72 -32.65
C ARG A 397 14.79 6.98 -31.51
N ALA A 398 14.79 7.57 -30.32
CA ALA A 398 14.17 6.96 -29.11
C ALA A 398 13.30 8.04 -28.44
N GLY A 399 12.28 7.66 -27.69
CA GLY A 399 11.50 8.70 -27.01
C GLY A 399 10.25 8.16 -26.31
N ALA A 400 9.42 9.09 -25.89
CA ALA A 400 8.20 8.81 -25.17
C ALA A 400 7.06 9.15 -26.15
N VAL A 401 6.21 8.17 -26.46
CA VAL A 401 5.23 8.34 -27.52
C VAL A 401 3.83 8.23 -26.93
N LEU A 402 2.93 9.05 -27.43
CA LEU A 402 1.50 8.89 -27.16
C LEU A 402 1.05 7.99 -28.32
N PHE A 403 0.91 6.68 -28.05
CA PHE A 403 0.86 5.66 -29.10
C PHE A 403 -0.58 5.23 -29.47
N ARG A 404 -0.91 5.36 -30.74
CA ARG A 404 -2.16 4.82 -31.30
C ARG A 404 -2.03 4.94 -32.82
N ASP A 405 -3.10 4.70 -33.55
CA ASP A 405 -3.10 4.91 -34.98
C ASP A 405 -2.89 6.38 -35.41
N ARG A 406 -3.16 7.39 -34.57
CA ARG A 406 -2.70 8.75 -34.87
C ARG A 406 -1.81 9.14 -33.69
N ALA A 407 -0.50 9.29 -33.88
CA ALA A 407 0.43 9.30 -32.73
C ALA A 407 1.35 10.54 -32.71
N ALA A 408 2.06 10.77 -31.60
CA ALA A 408 3.00 11.88 -31.55
C ALA A 408 4.01 11.53 -30.48
N TYR A 409 5.19 12.14 -30.49
CA TYR A 409 6.17 11.79 -29.49
C TYR A 409 7.08 12.94 -29.19
N ILE A 410 7.73 12.92 -28.01
CA ILE A 410 8.87 13.76 -27.79
C ILE A 410 10.05 12.80 -27.58
N GLY A 411 11.22 13.11 -28.13
CA GLY A 411 12.29 12.13 -28.07
C GLY A 411 13.64 12.71 -28.43
N VAL A 412 14.59 11.82 -28.69
CA VAL A 412 15.94 12.25 -29.05
C VAL A 412 16.29 11.62 -30.39
N TRP A 413 16.88 12.41 -31.28
CA TRP A 413 17.40 11.90 -32.55
C TRP A 413 18.91 12.08 -32.48
N LYS A 414 19.66 11.01 -32.76
CA LYS A 414 21.13 11.06 -32.78
C LYS A 414 21.52 11.07 -34.23
N GLN A 415 22.19 12.11 -34.71
CA GLN A 415 22.60 12.15 -36.12
C GLN A 415 24.06 12.56 -36.14
N GLY A 416 24.91 11.72 -36.70
CA GLY A 416 26.35 11.89 -36.49
C GLY A 416 26.60 12.03 -34.99
N ASN A 417 27.30 13.09 -34.60
CA ASN A 417 27.61 13.25 -33.16
C ASN A 417 26.68 14.19 -32.44
N GLU A 418 25.56 14.54 -33.06
CA GLU A 418 24.61 15.49 -32.47
C GLU A 418 23.44 14.70 -31.87
N ALA A 419 23.16 14.90 -30.58
CA ALA A 419 21.90 14.39 -30.00
C ALA A 419 21.01 15.61 -29.78
N ARG A 420 19.77 15.56 -30.29
CA ARG A 420 18.85 16.69 -30.23
C ARG A 420 17.48 16.21 -29.76
N ILE A 421 16.81 17.01 -28.94
CA ILE A 421 15.44 16.68 -28.55
C ILE A 421 14.49 17.14 -29.67
N VAL A 422 13.48 16.33 -30.00
CA VAL A 422 12.53 16.71 -31.04
C VAL A 422 11.12 16.34 -30.59
N MET A 423 10.13 16.97 -31.20
CA MET A 423 8.73 16.60 -30.97
C MET A 423 8.19 16.33 -32.36
N VAL A 424 7.61 15.14 -32.52
CA VAL A 424 7.18 14.66 -33.81
C VAL A 424 5.67 14.40 -33.75
N ASP A 425 4.93 14.89 -34.76
CA ASP A 425 3.51 14.53 -34.86
C ASP A 425 3.18 14.01 -36.27
N ASP A 426 1.90 13.89 -36.57
CA ASP A 426 1.47 13.31 -37.86
C ASP A 426 2.02 11.91 -38.16
N LEU A 427 2.08 11.07 -37.12
CA LEU A 427 2.40 9.66 -37.30
C LEU A 427 1.04 8.99 -37.47
N ARG A 428 0.76 8.39 -38.63
CA ARG A 428 -0.60 7.92 -38.91
C ARG A 428 -0.59 6.57 -39.68
N LEU A 429 -1.44 5.67 -39.22
CA LEU A 429 -1.84 4.47 -39.93
C LEU A 429 -3.12 4.77 -40.71
N ASN A 430 -3.29 4.15 -41.86
CA ASN A 430 -4.54 4.30 -42.63
C ASN A 430 -5.55 3.34 -42.03
N GLU A 431 -6.70 3.82 -41.55
CA GLU A 431 -7.72 2.92 -40.97
C GLU A 431 -8.20 1.81 -41.90
N ASP A 432 -8.13 2.02 -43.21
CA ASP A 432 -8.54 0.98 -44.15
C ASP A 432 -7.30 0.15 -44.54
N GLY A 433 -7.03 -0.92 -43.78
CA GLY A 433 -5.91 -1.81 -44.05
C GLY A 433 -4.72 -1.67 -43.09
N TRP A 434 -4.62 -0.55 -42.39
CA TRP A 434 -3.62 -0.38 -41.32
C TRP A 434 -2.19 -0.38 -41.86
N ARG A 435 -2.03 0.05 -43.11
CA ARG A 435 -0.69 0.32 -43.63
C ARG A 435 -0.33 1.76 -43.20
N THR A 436 0.95 2.10 -43.18
CA THR A 436 1.35 3.42 -42.71
C THR A 436 0.93 4.49 -43.72
N ALA A 437 0.28 5.55 -43.25
CA ALA A 437 -0.10 6.70 -44.07
C ALA A 437 0.89 7.84 -43.98
N SER A 438 1.56 7.98 -42.84
CA SER A 438 2.56 9.02 -42.70
C SER A 438 3.56 8.63 -41.62
N THR A 439 4.85 8.80 -41.89
CA THR A 439 5.89 8.45 -40.94
C THR A 439 6.32 9.63 -40.06
N GLY A 440 5.56 10.71 -40.09
CA GLY A 440 5.78 11.74 -39.08
C GLY A 440 6.51 12.96 -39.57
N ARG A 441 6.32 14.05 -38.82
CA ARG A 441 6.77 15.40 -39.13
C ARG A 441 7.49 15.95 -37.88
N VAL A 442 8.72 16.48 -37.96
CA VAL A 442 9.27 17.18 -36.80
C VAL A 442 8.55 18.55 -36.64
N ALA A 443 7.69 18.66 -35.64
CA ALA A 443 6.87 19.84 -35.41
C ALA A 443 7.63 20.89 -34.63
N ALA A 444 8.60 20.48 -33.82
CA ALA A 444 9.45 21.45 -33.14
C ALA A 444 10.78 20.81 -32.73
N ASN A 445 11.86 21.59 -32.74
CA ASN A 445 13.18 21.10 -32.28
C ASN A 445 13.49 21.67 -30.92
N GLY A 446 13.94 20.84 -30.00
CA GLY A 446 14.45 21.34 -28.75
C GLY A 446 15.96 21.51 -28.86
N PRO A 447 16.63 21.66 -27.72
CA PRO A 447 18.09 21.80 -27.69
C PRO A 447 18.91 20.59 -28.07
N VAL A 448 20.11 20.89 -28.56
CA VAL A 448 21.15 19.87 -28.66
C VAL A 448 21.54 19.52 -27.22
N ILE A 449 21.73 18.25 -26.89
CA ILE A 449 22.01 17.91 -25.48
C ILE A 449 23.39 17.25 -25.33
N ASP A 450 24.19 17.71 -24.36
CA ASP A 450 25.52 17.15 -24.17
C ASP A 450 25.42 15.83 -23.42
N THR A 451 26.56 15.20 -23.20
CA THR A 451 26.61 13.87 -22.60
C THR A 451 26.00 13.84 -21.22
N ASN A 452 26.22 14.91 -20.46
CA ASN A 452 25.65 14.98 -19.11
C ASN A 452 24.12 15.03 -19.13
N ALA A 453 23.55 15.77 -20.06
CA ALA A 453 22.09 15.81 -20.18
C ALA A 453 21.58 14.46 -20.72
N GLN A 454 22.32 13.82 -21.63
CA GLN A 454 21.93 12.52 -22.18
C GLN A 454 21.84 11.46 -21.12
N GLN A 455 22.67 11.60 -20.07
CA GLN A 455 22.72 10.62 -19.00
C GLN A 455 21.42 10.56 -18.19
N ASP A 456 20.66 11.65 -18.15
CA ASP A 456 19.45 11.75 -17.31
C ASP A 456 18.43 12.69 -17.92
N ILE A 457 17.75 12.26 -18.96
CA ILE A 457 16.75 13.08 -19.59
C ILE A 457 15.35 12.56 -19.26
N TRP A 458 14.46 13.49 -18.89
CA TRP A 458 13.11 13.11 -18.50
C TRP A 458 12.16 13.59 -19.60
N LEU A 459 11.28 12.71 -20.05
CA LEU A 459 10.34 13.02 -21.13
C LEU A 459 8.94 12.84 -20.59
N ARG A 460 8.12 13.87 -20.71
CA ARG A 460 6.82 13.88 -20.07
C ARG A 460 5.69 14.08 -21.08
N ILE A 461 4.61 13.31 -20.93
CA ILE A 461 3.45 13.43 -21.79
C ILE A 461 2.22 13.77 -20.92
N ASP A 462 1.58 14.89 -21.17
CA ASP A 462 0.36 15.27 -20.41
C ASP A 462 -0.88 15.00 -21.27
N ALA A 463 -1.61 13.93 -20.95
CA ALA A 463 -2.65 13.47 -21.86
C ALA A 463 -4.03 13.75 -21.28
N ASP A 464 -4.92 14.26 -22.12
CA ASP A 464 -6.34 14.43 -21.77
C ASP A 464 -7.13 13.36 -22.47
N ILE A 465 -7.67 12.38 -21.74
CA ILE A 465 -8.55 11.38 -22.36
C ILE A 465 -9.99 11.53 -21.86
N THR A 466 -10.35 12.74 -21.47
CA THR A 466 -11.74 13.04 -21.10
C THR A 466 -12.65 12.60 -22.27
N PRO A 467 -13.68 11.77 -22.00
CA PRO A 467 -14.40 11.15 -23.13
C PRO A 467 -14.95 12.20 -24.08
N ALA A 468 -14.86 11.92 -25.37
CA ALA A 468 -15.36 12.81 -26.43
C ALA A 468 -16.02 12.01 -27.54
N PHE A 469 -16.43 10.78 -27.23
CA PHE A 469 -17.05 9.92 -28.22
C PHE A 469 -18.40 10.52 -28.66
N GLY A 470 -18.62 10.60 -29.96
CA GLY A 470 -19.87 11.13 -30.48
C GLY A 470 -19.93 12.65 -30.45
N THR A 471 -18.81 13.31 -30.19
CA THR A 471 -18.79 14.79 -30.15
C THR A 471 -17.94 15.31 -31.31
N ASN A 472 -17.91 16.62 -31.48
CA ASN A 472 -17.08 17.22 -32.51
C ASN A 472 -15.81 17.88 -31.92
N THR A 473 -15.43 17.46 -30.72
CA THR A 473 -14.23 17.99 -30.05
C THR A 473 -13.14 16.94 -29.94
N GLU A 474 -11.92 17.27 -30.35
CA GLU A 474 -10.80 16.35 -30.14
C GLU A 474 -9.98 16.87 -28.93
N ARG A 475 -9.68 15.98 -28.01
CA ARG A 475 -8.81 16.29 -26.87
C ARG A 475 -7.36 16.51 -27.31
N THR A 476 -6.55 17.13 -26.45
CA THR A 476 -5.18 17.39 -26.86
C THR A 476 -4.24 16.93 -25.77
N THR A 477 -3.01 16.64 -26.20
CA THR A 477 -1.94 16.21 -25.34
C THR A 477 -0.72 17.12 -25.55
N THR A 478 0.05 17.41 -24.51
CA THR A 478 1.23 18.28 -24.70
C THR A 478 2.45 17.55 -24.17
N PHE A 479 3.64 17.93 -24.64
CA PHE A 479 4.85 17.17 -24.35
C PHE A 479 5.89 18.10 -23.74
N TYR A 480 6.75 17.55 -22.86
CA TYR A 480 7.70 18.36 -22.06
C TYR A 480 8.99 17.56 -21.86
N TYR A 481 10.12 18.24 -21.60
CA TYR A 481 11.33 17.52 -21.27
C TYR A 481 11.97 18.21 -20.09
N SER A 482 12.71 17.46 -19.29
CA SER A 482 13.56 18.02 -18.26
C SER A 482 15.00 17.52 -18.47
N ILE A 483 15.97 18.44 -18.46
CA ILE A 483 17.37 18.04 -18.36
C ILE A 483 18.05 18.59 -17.10
N ASP A 484 17.27 18.87 -16.07
CA ASP A 484 17.83 19.24 -14.77
C ASP A 484 17.34 18.28 -13.70
N GLY A 485 17.37 17.00 -14.05
CA GLY A 485 17.04 15.97 -13.09
C GLY A 485 15.58 15.97 -12.72
N GLY A 486 14.72 16.45 -13.62
CA GLY A 486 13.29 16.43 -13.37
C GLY A 486 12.77 17.53 -12.44
N ARG A 487 13.58 18.53 -12.14
CA ARG A 487 13.11 19.62 -11.27
C ARG A 487 12.20 20.59 -12.01
N THR A 488 12.57 20.97 -13.23
CA THR A 488 11.67 21.76 -14.07
C THR A 488 11.52 21.14 -15.45
N TYR A 489 10.37 21.39 -16.07
CA TYR A 489 10.08 20.90 -17.41
C TYR A 489 9.83 22.02 -18.36
N THR A 490 10.27 21.81 -19.59
CA THR A 490 10.03 22.77 -20.68
C THR A 490 9.09 22.21 -21.73
N ARG A 491 8.08 22.99 -22.06
CA ARG A 491 7.10 22.61 -23.07
C ARG A 491 7.75 22.55 -24.45
N LEU A 492 7.45 21.53 -25.25
CA LEU A 492 7.97 21.49 -26.61
C LEU A 492 6.91 21.10 -27.65
N GLY A 493 6.77 21.92 -28.69
CA GLY A 493 5.85 21.55 -29.77
C GLY A 493 4.42 21.98 -29.53
N PRO A 494 3.56 21.82 -30.54
CA PRO A 494 2.16 22.28 -30.43
C PRO A 494 1.38 21.32 -29.57
N ALA A 495 0.16 21.69 -29.18
CA ALA A 495 -0.77 20.70 -28.61
C ALA A 495 -1.18 19.68 -29.70
N PHE A 496 -1.16 18.40 -29.40
CA PHE A 496 -1.47 17.36 -30.36
C PHE A 496 -2.92 16.96 -30.21
N ALA A 497 -3.71 17.14 -31.27
CA ALA A 497 -5.11 16.71 -31.27
C ALA A 497 -5.22 15.23 -31.48
N MET A 498 -6.03 14.60 -30.64
CA MET A 498 -6.16 13.15 -30.57
C MET A 498 -7.40 12.63 -31.32
N THR A 499 -7.31 11.47 -31.96
CA THR A 499 -8.49 10.99 -32.70
C THR A 499 -9.56 10.34 -31.78
N ASN A 500 -10.83 10.55 -32.09
CA ASN A 500 -11.94 9.89 -31.39
C ASN A 500 -12.43 8.62 -32.11
N SER A 501 -11.72 8.24 -33.15
CA SER A 501 -12.12 7.07 -33.93
C SER A 501 -12.04 5.79 -33.07
N TRP A 502 -12.99 4.89 -33.25
CA TRP A 502 -12.99 3.66 -32.49
C TRP A 502 -12.33 2.53 -33.26
N ARG A 503 -12.01 2.76 -34.53
CA ARG A 503 -11.63 1.67 -35.45
CA ARG A 503 -11.64 1.67 -35.44
C ARG A 503 -10.38 0.87 -35.06
N TYR A 504 -9.43 1.51 -34.38
CA TYR A 504 -8.21 0.83 -33.94
C TYR A 504 -8.52 0.04 -32.67
N PHE A 505 -9.72 0.26 -32.12
CA PHE A 505 -10.24 -0.36 -30.89
C PHE A 505 -9.52 0.04 -29.58
N THR A 506 -8.23 -0.25 -29.50
CA THR A 506 -7.45 0.07 -28.27
C THR A 506 -7.44 1.59 -28.04
N GLY A 507 -7.34 2.02 -26.78
CA GLY A 507 -7.24 3.44 -26.45
C GLY A 507 -5.83 3.99 -26.69
N TYR A 508 -5.64 5.31 -26.62
CA TYR A 508 -4.29 5.87 -26.56
C TYR A 508 -3.48 5.29 -25.38
N ARG A 509 -2.20 5.03 -25.60
CA ARG A 509 -1.29 4.56 -24.56
C ARG A 509 -0.04 5.43 -24.40
N PHE A 510 0.61 5.33 -23.25
CA PHE A 510 1.93 5.93 -23.14
C PHE A 510 2.90 4.85 -23.60
N GLY A 511 3.98 5.24 -24.28
CA GLY A 511 4.95 4.22 -24.72
C GLY A 511 6.38 4.77 -24.72
N VAL A 512 7.36 3.87 -24.77
CA VAL A 512 8.74 4.28 -25.00
C VAL A 512 9.27 3.41 -26.14
N PHE A 513 10.05 4.03 -27.05
CA PHE A 513 10.52 3.31 -28.26
C PHE A 513 11.99 3.62 -28.50
N ASN A 514 12.63 2.78 -29.32
CA ASN A 514 13.99 3.03 -29.73
C ASN A 514 14.23 2.19 -30.99
N PHE A 515 14.53 2.84 -32.11
CA PHE A 515 14.83 2.16 -33.38
C PHE A 515 15.92 2.94 -34.10
N SER A 516 16.44 2.41 -35.21
CA SER A 516 17.45 3.16 -35.96
C SER A 516 17.00 3.34 -37.41
N THR A 517 17.33 4.47 -38.02
CA THR A 517 17.07 4.57 -39.45
C THR A 517 18.31 4.07 -40.25
N LYS A 518 19.40 3.76 -39.56
CA LYS A 518 20.68 3.40 -40.24
C LYS A 518 21.10 1.95 -40.00
N SER A 519 21.28 1.55 -38.75
CA SER A 519 21.69 0.16 -38.49
C SER A 519 21.58 -0.11 -37.01
N LEU A 520 21.56 -1.38 -36.68
CA LEU A 520 21.41 -1.80 -35.30
C LEU A 520 22.70 -1.53 -34.53
N GLY A 521 22.69 -1.70 -33.22
CA GLY A 521 23.91 -1.55 -32.45
C GLY A 521 23.73 -0.60 -31.27
N GLY A 522 22.91 0.42 -31.47
CA GLY A 522 22.66 1.42 -30.44
C GLY A 522 21.78 0.95 -29.27
N GLU A 523 21.80 1.68 -28.15
CA GLU A 523 20.84 1.40 -27.09
C GLU A 523 20.52 2.62 -26.22
N VAL A 524 19.42 2.52 -25.47
CA VAL A 524 19.11 3.49 -24.42
C VAL A 524 18.73 2.69 -23.19
N LYS A 525 18.82 3.31 -22.01
CA LYS A 525 18.37 2.63 -20.82
C LYS A 525 17.14 3.38 -20.33
N VAL A 526 16.06 2.68 -20.03
CA VAL A 526 14.91 3.31 -19.41
C VAL A 526 15.08 3.15 -17.91
N LYS A 527 15.32 4.26 -17.22
CA LYS A 527 15.58 4.18 -15.79
C LYS A 527 14.30 3.98 -15.02
N GLY A 528 13.21 4.54 -15.52
CA GLY A 528 11.95 4.38 -14.81
C GLY A 528 10.78 5.10 -15.49
N PHE A 529 9.59 4.85 -14.94
CA PHE A 529 8.36 5.42 -15.42
C PHE A 529 7.47 5.82 -14.24
N LYS A 530 6.81 6.97 -14.34
CA LYS A 530 5.80 7.31 -13.33
C LYS A 530 4.60 7.95 -13.99
N MET A 531 3.39 7.53 -13.62
CA MET A 531 2.18 8.22 -14.08
C MET A 531 1.59 9.01 -12.90
N ASN A 532 1.33 10.31 -13.12
CA ASN A 532 0.69 11.16 -12.11
C ASN A 532 -0.69 11.55 -12.62
N MET A 533 -1.71 11.38 -11.81
CA MET A 533 -3.04 11.90 -12.20
C MET A 533 -3.01 13.43 -12.26
N ILE A 534 -3.61 13.99 -13.30
CA ILE A 534 -3.72 15.43 -13.44
C ILE A 534 -5.08 15.82 -12.87
N LEU A 535 -5.00 16.55 -11.77
CA LEU A 535 -6.13 17.06 -10.98
C LEU A 535 -6.27 18.57 -11.20
N ARG B 3 -15.79 10.69 52.25
CA ARG B 3 -15.86 12.10 51.81
C ARG B 3 -14.49 12.61 51.36
N GLN B 4 -13.50 11.72 51.33
CA GLN B 4 -12.16 12.08 50.87
C GLN B 4 -12.13 12.09 49.32
N ALA B 5 -11.72 13.22 48.77
CA ALA B 5 -11.46 13.26 47.32
C ALA B 5 -10.07 12.62 47.03
N SER B 6 -10.05 11.59 46.17
CA SER B 6 -8.80 11.12 45.58
C SER B 6 -9.10 10.85 44.10
N THR B 7 -8.51 11.69 43.25
CA THR B 7 -8.88 11.71 41.84
C THR B 7 -7.62 11.78 40.97
N PHE B 8 -7.76 11.56 39.66
CA PHE B 8 -6.66 11.77 38.72
C PHE B 8 -7.23 12.59 37.57
N THR B 9 -6.33 13.22 36.82
CA THR B 9 -6.71 13.98 35.63
C THR B 9 -6.07 13.36 34.36
N ASN B 10 -6.84 13.29 33.27
CA ASN B 10 -6.38 12.79 31.98
C ASN B 10 -5.57 13.87 31.25
N PRO B 11 -4.55 13.50 30.44
CA PRO B 11 -4.11 12.12 30.16
C PRO B 11 -3.29 11.57 31.34
N VAL B 12 -3.20 10.26 31.46
CA VAL B 12 -2.44 9.72 32.60
C VAL B 12 -0.91 9.74 32.38
N LEU B 13 -0.48 9.69 31.14
CA LEU B 13 0.96 9.77 30.83
C LEU B 13 1.09 10.62 29.55
N TRP B 14 1.79 11.75 29.60
CA TRP B 14 1.83 12.56 28.38
C TRP B 14 3.07 12.20 27.57
N GLU B 15 3.14 10.93 27.17
CA GLU B 15 4.27 10.45 26.37
C GLU B 15 3.75 9.44 25.34
N ASP B 16 4.34 9.51 24.17
CA ASP B 16 3.91 8.72 23.02
C ASP B 16 4.03 7.20 23.28
N HIS B 17 2.94 6.55 23.70
CA HIS B 17 2.89 5.06 23.82
C HIS B 17 1.65 4.47 23.12
N PRO B 18 1.71 4.32 21.77
CA PRO B 18 0.54 3.86 20.98
C PRO B 18 0.22 2.34 21.01
N ASP B 19 -1.00 1.96 20.57
CA ASP B 19 -1.37 0.55 20.35
C ASP B 19 -1.31 -0.23 21.66
N LEU B 20 -1.72 0.42 22.74
CA LEU B 20 -1.53 -0.18 24.05
C LEU B 20 -2.36 -1.46 24.26
N GLU B 21 -1.78 -2.40 25.01
CA GLU B 21 -2.46 -3.54 25.59
C GLU B 21 -2.29 -3.33 27.10
N VAL B 22 -3.32 -3.57 27.91
CA VAL B 22 -3.17 -3.45 29.34
C VAL B 22 -3.73 -4.71 30.03
N PHE B 23 -3.14 -5.11 31.14
CA PHE B 23 -3.65 -6.23 31.92
C PHE B 23 -3.13 -6.11 33.35
N ARG B 24 -3.66 -6.93 34.24
CA ARG B 24 -3.25 -6.88 35.65
C ARG B 24 -2.72 -8.25 36.08
N VAL B 25 -1.70 -8.25 36.91
CA VAL B 25 -1.22 -9.42 37.64
C VAL B 25 -1.15 -9.00 39.11
N GLY B 26 -2.06 -9.48 39.95
CA GLY B 26 -2.08 -9.09 41.34
C GLY B 26 -2.26 -7.59 41.52
N SER B 27 -1.33 -6.91 42.21
CA SER B 27 -1.45 -5.50 42.48
C SER B 27 -0.84 -4.60 41.36
N VAL B 28 -0.26 -5.22 40.33
CA VAL B 28 0.47 -4.47 39.29
C VAL B 28 -0.31 -4.45 37.96
N PHE B 29 -0.40 -3.29 37.33
CA PHE B 29 -0.95 -3.20 35.97
C PHE B 29 0.25 -3.08 35.03
N TYR B 30 0.23 -3.82 33.92
CA TYR B 30 1.21 -3.70 32.85
C TYR B 30 0.58 -3.18 31.55
N TYR B 31 1.40 -2.54 30.74
CA TYR B 31 0.98 -1.74 29.56
C TYR B 31 2.07 -2.01 28.50
N SER B 32 1.69 -2.41 27.29
CA SER B 32 2.69 -2.72 26.25
C SER B 32 2.37 -1.82 25.09
N SER B 33 3.39 -1.22 24.45
CA SER B 33 3.12 -0.27 23.37
C SER B 33 3.91 -0.62 22.08
N SER B 34 3.64 0.09 20.96
CA SER B 34 4.28 -0.23 19.68
C SER B 34 5.34 0.83 19.32
N THR B 35 6.39 0.39 18.64
CA THR B 35 7.56 1.21 18.39
C THR B 35 8.17 1.15 16.98
N PHE B 36 7.48 0.56 15.99
CA PHE B 36 7.96 0.72 14.61
C PHE B 36 9.41 0.30 14.51
N ALA B 37 10.30 1.14 13.97
CA ALA B 37 11.71 0.70 13.76
C ALA B 37 12.65 1.13 14.91
N TYR B 38 12.13 1.61 16.05
CA TYR B 38 12.99 1.96 17.19
C TYR B 38 13.39 0.72 17.98
N SER B 39 14.63 0.71 18.47
CA SER B 39 15.24 -0.53 19.01
C SER B 39 15.98 -0.16 20.32
N PRO B 40 15.68 -0.85 21.43
CA PRO B 40 14.78 -2.01 21.58
C PRO B 40 13.32 -1.63 21.37
N GLY B 41 12.48 -2.60 21.04
CA GLY B 41 11.08 -2.33 20.73
C GLY B 41 10.10 -2.91 21.75
N ALA B 42 8.83 -2.52 21.64
CA ALA B 42 7.75 -3.03 22.52
C ALA B 42 8.02 -2.78 24.00
N PRO B 43 8.02 -1.50 24.39
CA PRO B 43 8.18 -1.13 25.81
C PRO B 43 7.09 -1.75 26.68
N VAL B 44 7.44 -2.03 27.94
CA VAL B 44 6.46 -2.43 28.97
C VAL B 44 6.50 -1.38 30.09
N LEU B 45 5.34 -0.80 30.38
CA LEU B 45 5.20 0.12 31.51
C LEU B 45 4.45 -0.58 32.66
N LYS B 46 4.73 -0.13 33.90
CA LYS B 46 4.15 -0.68 35.13
C LYS B 46 3.41 0.45 35.89
N SER B 47 2.31 0.10 36.58
CA SER B 47 1.54 1.07 37.37
C SER B 47 0.87 0.27 38.51
N TYR B 48 0.63 0.92 39.64
CA TYR B 48 -0.19 0.36 40.72
C TYR B 48 -1.59 0.98 40.75
N ASP B 49 -1.85 2.00 39.95
CA ASP B 49 -3.14 2.68 40.03
C ASP B 49 -3.73 3.07 38.63
N LEU B 50 -3.10 2.61 37.57
CA LEU B 50 -3.48 2.96 36.18
C LEU B 50 -3.19 4.41 35.84
N VAL B 51 -2.60 5.15 36.76
CA VAL B 51 -2.44 6.57 36.57
C VAL B 51 -0.97 6.98 36.50
N HIS B 52 -0.17 6.50 37.45
CA HIS B 52 1.28 6.78 37.47
C HIS B 52 2.08 5.63 36.89
N TRP B 53 2.64 5.84 35.71
CA TRP B 53 3.27 4.75 34.92
C TRP B 53 4.78 4.93 34.90
N THR B 54 5.53 3.82 34.92
CA THR B 54 6.99 3.89 34.76
C THR B 54 7.45 2.73 33.88
N PRO B 55 8.39 2.99 32.97
CA PRO B 55 8.86 1.96 32.01
C PRO B 55 9.72 0.93 32.74
N VAL B 56 9.53 -0.37 32.50
CA VAL B 56 10.31 -1.37 33.23
C VAL B 56 11.10 -2.36 32.36
N THR B 57 10.72 -2.52 31.11
CA THR B 57 11.50 -3.40 30.23
C THR B 57 11.06 -3.20 28.77
N HIS B 58 11.66 -3.95 27.85
CA HIS B 58 11.25 -3.90 26.46
C HIS B 58 11.17 -5.35 25.99
N SER B 59 10.14 -5.73 25.22
CA SER B 59 9.95 -7.16 24.94
C SER B 59 10.90 -7.63 23.83
N VAL B 60 11.37 -6.68 23.03
CA VAL B 60 12.26 -7.01 21.90
C VAL B 60 13.58 -6.22 22.03
N PRO B 61 14.54 -6.76 22.81
CA PRO B 61 15.81 -6.06 23.08
C PRO B 61 16.60 -5.69 21.83
N ARG B 62 16.49 -6.44 20.75
CA ARG B 62 17.11 -6.06 19.45
C ARG B 62 16.17 -6.59 18.36
N LEU B 63 15.86 -5.76 17.37
CA LEU B 63 14.81 -6.14 16.39
C LEU B 63 15.38 -7.26 15.52
N ASN B 64 14.69 -8.40 15.39
CA ASN B 64 15.28 -9.52 14.67
C ASN B 64 14.42 -9.83 13.43
N PHE B 65 14.00 -8.82 12.70
CA PHE B 65 12.94 -9.02 11.69
C PHE B 65 13.45 -8.93 10.27
N GLY B 66 14.76 -8.87 10.08
CA GLY B 66 15.31 -8.67 8.74
C GLY B 66 16.49 -7.72 8.68
N SER B 67 17.29 -7.81 7.62
CA SER B 67 18.54 -7.05 7.59
C SER B 67 18.29 -5.55 7.39
N ASN B 68 17.10 -5.18 6.90
CA ASN B 68 16.78 -3.73 6.80
C ASN B 68 16.70 -3.02 8.18
N TYR B 69 16.46 -3.81 9.24
CA TYR B 69 16.39 -3.28 10.61
C TYR B 69 17.72 -2.86 11.18
N ASP B 70 18.82 -3.23 10.54
CA ASP B 70 20.12 -2.73 10.92
C ASP B 70 20.54 -1.48 10.10
N LEU B 71 19.63 -0.94 9.27
CA LEU B 71 19.88 0.29 8.50
C LEU B 71 21.23 0.20 7.75
N PRO B 72 21.40 -0.86 6.94
CA PRO B 72 22.70 -1.02 6.28
C PRO B 72 22.90 -0.10 5.09
N SER B 73 21.81 0.37 4.48
CA SER B 73 21.89 1.08 3.20
C SER B 73 21.02 2.33 3.13
N GLY B 74 20.95 3.10 4.20
CA GLY B 74 20.17 4.33 4.14
C GLY B 74 18.67 4.10 3.99
N THR B 75 17.94 5.17 3.65
CA THR B 75 16.48 5.06 3.53
C THR B 75 16.15 4.26 2.27
N PRO B 76 14.98 3.59 2.25
CA PRO B 76 13.97 3.72 3.31
C PRO B 76 14.16 2.80 4.48
N GLY B 77 15.23 2.01 4.50
CA GLY B 77 15.55 1.17 5.66
C GLY B 77 14.31 0.42 6.12
N ALA B 78 13.97 0.55 7.40
CA ALA B 78 12.73 -0.02 7.93
C ALA B 78 11.84 1.08 8.54
N TYR B 79 12.02 2.32 8.10
CA TYR B 79 11.20 3.41 8.61
C TYR B 79 9.70 3.09 8.53
N VAL B 80 9.02 3.26 9.66
CA VAL B 80 7.56 3.08 9.78
C VAL B 80 7.09 1.63 9.52
N LYS B 81 8.03 0.70 9.44
CA LYS B 81 7.69 -0.72 9.42
C LYS B 81 7.85 -1.27 10.85
N GLY B 82 8.53 -2.40 11.04
CA GLY B 82 8.76 -2.90 12.38
C GLY B 82 7.48 -3.17 13.16
N ILE B 83 7.47 -2.80 14.44
CA ILE B 83 6.43 -3.24 15.34
C ILE B 83 5.21 -2.30 15.26
N TRP B 84 4.15 -2.78 14.64
CA TRP B 84 2.86 -2.09 14.71
C TRP B 84 2.03 -2.63 15.92
N ALA B 85 0.70 -2.52 15.90
CA ALA B 85 -0.12 -2.99 17.03
C ALA B 85 0.16 -4.47 17.31
N SER B 86 0.59 -4.77 18.54
CA SER B 86 0.97 -6.14 18.93
C SER B 86 0.33 -6.49 20.27
N THR B 87 0.83 -7.47 21.00
CA THR B 87 0.10 -7.92 22.16
C THR B 87 1.04 -8.64 23.14
N LEU B 88 0.64 -8.62 24.41
CA LEU B 88 1.44 -9.14 25.52
C LEU B 88 0.51 -9.63 26.59
N ARG B 89 0.79 -10.81 27.15
CA ARG B 89 0.03 -11.30 28.31
C ARG B 89 1.00 -12.09 29.18
N TYR B 90 0.64 -12.25 30.45
CA TYR B 90 1.41 -13.01 31.41
C TYR B 90 0.77 -14.39 31.61
N ARG B 91 1.53 -15.44 31.35
CA ARG B 91 1.04 -16.82 31.57
C ARG B 91 1.38 -17.30 32.98
N ARG B 92 0.37 -17.54 33.83
CA ARG B 92 0.62 -17.98 35.20
C ARG B 92 1.25 -19.38 35.29
N SER B 93 0.83 -20.27 34.42
CA SER B 93 1.14 -21.71 34.56
C SER B 93 2.65 -21.95 34.49
N ASN B 94 3.36 -21.20 33.65
CA ASN B 94 4.83 -21.34 33.56
C ASN B 94 5.60 -20.03 33.87
N ASP B 95 4.93 -19.09 34.54
CA ASP B 95 5.53 -17.84 34.99
C ASP B 95 6.32 -17.19 33.83
N ARG B 96 5.63 -16.94 32.73
CA ARG B 96 6.30 -16.42 31.53
C ARG B 96 5.40 -15.43 30.80
N PHE B 97 6.01 -14.30 30.40
CA PHE B 97 5.33 -13.28 29.57
C PHE B 97 5.48 -13.65 28.08
N TYR B 98 4.41 -13.54 27.31
CA TYR B 98 4.42 -13.81 25.88
C TYR B 98 4.06 -12.52 25.09
N TRP B 99 4.98 -12.07 24.24
CA TRP B 99 4.76 -10.94 23.30
C TRP B 99 4.66 -11.45 21.86
N TYR B 100 3.54 -11.22 21.17
CA TYR B 100 3.46 -11.57 19.74
C TYR B 100 3.28 -10.27 18.95
N GLY B 101 3.96 -10.17 17.80
CA GLY B 101 3.73 -9.05 16.89
C GLY B 101 3.99 -9.50 15.46
N CYS B 102 3.16 -9.06 14.52
CA CYS B 102 3.42 -9.42 13.14
C CYS B 102 4.24 -8.29 12.53
N VAL B 103 5.38 -8.62 11.92
CA VAL B 103 6.26 -7.62 11.32
C VAL B 103 6.55 -8.08 9.88
N GLU B 104 6.18 -7.25 8.90
CA GLU B 104 6.40 -7.56 7.48
C GLU B 104 6.02 -9.01 7.13
N GLY B 105 4.82 -9.40 7.49
CA GLY B 105 4.23 -10.62 6.95
C GLY B 105 4.43 -11.88 7.79
N ARG B 106 5.22 -11.82 8.87
CA ARG B 106 5.40 -13.01 9.75
C ARG B 106 5.14 -12.62 11.20
N THR B 107 4.71 -13.54 12.05
CA THR B 107 4.47 -13.19 13.45
C THR B 107 5.61 -13.73 14.32
N TYR B 108 6.15 -12.87 15.17
CA TYR B 108 7.31 -13.18 16.01
C TYR B 108 6.85 -13.30 17.43
N LEU B 109 7.39 -14.29 18.12
CA LEU B 109 7.09 -14.48 19.53
C LEU B 109 8.39 -14.27 20.32
N TRP B 110 8.34 -13.37 21.28
CA TRP B 110 9.44 -13.14 22.27
C TRP B 110 8.87 -13.45 23.65
N THR B 111 9.64 -14.14 24.51
CA THR B 111 9.11 -14.43 25.88
C THR B 111 10.13 -14.14 26.92
N SER B 112 9.68 -13.84 28.14
CA SER B 112 10.60 -13.73 29.29
C SER B 112 10.03 -14.42 30.53
N PRO B 113 10.89 -14.99 31.38
CA PRO B 113 10.39 -15.47 32.67
C PRO B 113 9.92 -14.26 33.47
N GLY B 114 9.10 -14.50 34.50
CA GLY B 114 8.48 -13.43 35.26
C GLY B 114 8.99 -13.32 36.66
N GLY B 115 10.05 -14.03 37.01
CA GLY B 115 10.58 -13.99 38.37
C GLY B 115 9.54 -14.33 39.45
N ASN B 116 8.58 -15.18 39.13
CA ASN B 116 7.59 -15.66 40.12
C ASN B 116 6.58 -14.57 40.46
N ALA B 117 6.25 -13.74 39.46
CA ALA B 117 5.34 -12.64 39.70
C ALA B 117 4.01 -13.13 40.27
N LEU B 118 3.50 -14.26 39.79
CA LEU B 118 2.15 -14.72 40.22
C LEU B 118 2.12 -14.96 41.75
N ALA B 119 3.29 -15.15 42.35
CA ALA B 119 3.37 -15.40 43.81
C ALA B 119 3.81 -14.17 44.62
N ASN B 120 4.10 -13.08 43.93
CA ASN B 120 4.56 -11.85 44.58
C ASN B 120 3.71 -10.64 44.19
N ASN B 121 2.40 -10.89 44.10
CA ASN B 121 1.44 -9.82 43.85
C ASN B 121 1.78 -9.07 42.56
N GLY B 122 2.37 -9.76 41.59
CA GLY B 122 2.53 -9.20 40.25
C GLY B 122 3.87 -8.51 40.02
N GLU B 123 4.69 -8.40 41.05
CA GLU B 123 6.03 -7.80 40.92
C GLU B 123 6.99 -8.66 40.13
N VAL B 124 7.76 -8.03 39.26
CA VAL B 124 8.86 -8.71 38.63
C VAL B 124 10.14 -8.02 39.05
N PRO B 125 11.10 -8.78 39.63
CA PRO B 125 12.41 -8.15 39.91
C PRO B 125 13.07 -7.60 38.63
N PRO B 126 13.73 -6.43 38.71
CA PRO B 126 14.34 -5.91 37.48
C PRO B 126 15.33 -6.89 36.86
N SER B 127 16.03 -7.68 37.65
CA SER B 127 17.05 -8.58 37.12
C SER B 127 16.46 -9.84 36.50
N ALA B 128 15.15 -10.06 36.69
CA ALA B 128 14.52 -11.26 36.17
C ALA B 128 14.21 -11.19 34.68
N TRP B 129 13.89 -9.99 34.16
CA TRP B 129 13.51 -9.88 32.77
C TRP B 129 14.64 -10.44 31.92
N ASN B 130 14.29 -11.28 30.97
CA ASN B 130 15.28 -11.89 30.07
C ASN B 130 14.52 -12.30 28.81
N TRP B 131 14.38 -11.38 27.86
CA TRP B 131 13.58 -11.65 26.62
C TRP B 131 14.37 -12.44 25.59
N GLN B 132 13.78 -13.50 25.02
CA GLN B 132 14.42 -14.28 23.96
C GLN B 132 13.42 -14.56 22.82
N HIS B 133 13.90 -14.59 21.60
CA HIS B 133 13.08 -14.97 20.43
C HIS B 133 12.74 -16.46 20.50
N THR B 134 11.47 -16.77 20.59
CA THR B 134 11.02 -18.12 20.98
C THR B 134 10.36 -18.83 19.79
N ALA B 135 9.78 -18.07 18.87
CA ALA B 135 9.10 -18.67 17.71
C ALA B 135 8.82 -17.65 16.64
N THR B 136 8.60 -18.14 15.42
CA THR B 136 8.15 -17.32 14.33
C THR B 136 7.07 -18.14 13.68
N ILE B 137 5.92 -17.52 13.45
CA ILE B 137 4.75 -18.19 12.88
C ILE B 137 4.56 -17.55 11.51
N ASP B 138 4.35 -18.35 10.47
CA ASP B 138 4.36 -17.78 9.12
C ASP B 138 3.13 -16.94 8.83
N ASN B 139 2.01 -17.26 9.45
CA ASN B 139 0.78 -16.48 9.26
C ASN B 139 0.96 -15.06 9.86
N CYS B 140 0.42 -14.03 9.21
CA CYS B 140 0.48 -12.67 9.72
C CYS B 140 -0.72 -12.31 10.60
N TYR B 141 -0.53 -12.25 11.91
CA TYR B 141 -1.59 -11.78 12.81
C TYR B 141 -1.54 -10.27 12.93
N ALA B 142 -1.99 -9.60 11.88
CA ALA B 142 -2.07 -8.16 11.89
C ALA B 142 -2.97 -7.68 13.04
N ASP B 143 -2.45 -6.74 13.82
CA ASP B 143 -3.21 -6.14 14.93
C ASP B 143 -3.71 -7.23 15.87
N ALA B 144 -2.74 -7.96 16.39
CA ALA B 144 -2.98 -9.18 17.15
C ALA B 144 -3.45 -8.82 18.56
N GLY B 145 -4.32 -9.66 19.11
CA GLY B 145 -4.72 -9.54 20.51
C GLY B 145 -4.73 -10.96 21.10
N LEU B 146 -3.79 -11.23 22.00
CA LEU B 146 -3.63 -12.57 22.57
C LEU B 146 -4.58 -12.74 23.77
N LEU B 147 -5.17 -13.95 23.92
CA LEU B 147 -5.92 -14.30 25.13
C LEU B 147 -5.37 -15.64 25.64
N ILE B 148 -4.98 -15.70 26.89
CA ILE B 148 -4.61 -16.93 27.51
C ILE B 148 -5.85 -17.37 28.32
N ASP B 149 -6.59 -18.33 27.80
CA ASP B 149 -7.92 -18.67 28.34
C ASP B 149 -7.82 -19.33 29.73
N ASP B 150 -8.94 -19.52 30.39
CA ASP B 150 -8.97 -20.10 31.74
C ASP B 150 -8.46 -21.55 31.81
N ASP B 151 -8.48 -22.26 30.69
CA ASP B 151 -7.98 -23.64 30.64
C ASP B 151 -6.56 -23.65 30.06
N ASP B 152 -5.98 -22.45 29.96
CA ASP B 152 -4.60 -22.28 29.50
C ASP B 152 -4.36 -22.54 28.03
N THR B 153 -5.41 -22.62 27.21
CA THR B 153 -5.23 -22.63 25.76
C THR B 153 -5.05 -21.19 25.27
N MET B 154 -4.22 -20.96 24.27
CA MET B 154 -3.94 -19.60 23.82
C MET B 154 -4.63 -19.31 22.50
N TYR B 155 -5.27 -18.14 22.40
CA TYR B 155 -5.88 -17.71 21.16
C TYR B 155 -5.36 -16.32 20.75
N ILE B 156 -5.36 -16.03 19.47
CA ILE B 156 -5.03 -14.68 19.02
C ILE B 156 -6.14 -14.19 18.09
N ALA B 157 -6.80 -13.11 18.47
CA ALA B 157 -7.71 -12.40 17.57
C ALA B 157 -6.87 -11.46 16.69
N TYR B 158 -7.19 -11.31 15.41
CA TYR B 158 -6.39 -10.43 14.56
C TYR B 158 -7.19 -10.07 13.32
N GLY B 159 -6.68 -9.14 12.53
CA GLY B 159 -7.24 -8.86 11.22
C GLY B 159 -7.57 -7.38 11.02
N ASN B 160 -7.82 -7.04 9.76
CA ASN B 160 -8.30 -5.71 9.40
C ASN B 160 -8.57 -5.84 7.90
N PRO B 161 -9.80 -5.60 7.44
CA PRO B 161 -10.95 -4.94 8.07
C PRO B 161 -11.94 -5.90 8.76
N THR B 162 -11.67 -7.19 8.81
CA THR B 162 -12.56 -8.11 9.53
C THR B 162 -11.69 -8.97 10.46
N ILE B 163 -12.33 -9.58 11.45
CA ILE B 163 -11.60 -10.23 12.55
C ILE B 163 -11.63 -11.77 12.39
N ASN B 164 -10.48 -12.38 12.64
CA ASN B 164 -10.27 -13.83 12.69
C ASN B 164 -9.76 -14.25 14.09
N VAL B 165 -9.82 -15.53 14.41
CA VAL B 165 -9.28 -16.01 15.69
C VAL B 165 -8.48 -17.30 15.41
N ALA B 166 -7.23 -17.32 15.87
CA ALA B 166 -6.36 -18.48 15.68
C ALA B 166 -6.20 -19.13 17.05
N GLN B 167 -6.10 -20.44 17.10
CA GLN B 167 -5.76 -21.10 18.34
C GLN B 167 -4.32 -21.54 18.18
N LEU B 168 -3.52 -21.40 19.24
CA LEU B 168 -2.12 -21.81 19.20
C LEU B 168 -1.90 -23.18 19.87
N SER B 169 -0.79 -23.83 19.52
CA SER B 169 -0.40 -25.04 20.20
C SER B 169 -0.18 -24.70 21.66
N PRO B 170 -0.15 -25.71 22.51
CA PRO B 170 0.07 -25.50 23.95
C PRO B 170 1.28 -24.65 24.30
N ASP B 171 2.41 -24.82 23.61
CA ASP B 171 3.57 -23.99 23.95
C ASP B 171 3.53 -22.62 23.26
N GLY B 172 2.47 -22.34 22.51
CA GLY B 172 2.33 -21.01 21.92
C GLY B 172 3.15 -20.76 20.68
N THR B 173 3.84 -21.80 20.17
CA THR B 173 4.81 -21.56 19.11
C THR B 173 4.29 -21.89 17.72
N ARG B 174 3.12 -22.52 17.60
CA ARG B 174 2.58 -22.80 16.26
C ARG B 174 1.08 -22.54 16.19
N GLN B 175 0.54 -22.34 14.98
CA GLN B 175 -0.90 -22.24 14.77
C GLN B 175 -1.51 -23.65 14.67
N VAL B 176 -2.61 -23.93 15.35
CA VAL B 176 -3.27 -25.24 15.25
C VAL B 176 -4.69 -25.17 14.67
N ARG B 177 -5.27 -23.99 14.63
CA ARG B 177 -6.60 -23.87 14.05
C ARG B 177 -6.83 -22.41 13.77
N VAL B 178 -7.56 -22.09 12.72
CA VAL B 178 -7.96 -20.69 12.51
C VAL B 178 -9.42 -20.62 12.05
N GLN B 179 -10.19 -19.68 12.62
CA GLN B 179 -11.55 -19.48 12.19
C GLN B 179 -11.59 -18.10 11.57
N GLN B 180 -11.83 -18.03 10.26
CA GLN B 180 -11.84 -16.76 9.56
C GLN B 180 -13.16 -16.04 9.79
N ARG B 181 -13.10 -14.71 9.74
CA ARG B 181 -14.29 -13.90 9.75
C ARG B 181 -15.22 -14.22 10.92
N VAL B 182 -14.69 -14.24 12.14
CA VAL B 182 -15.54 -14.41 13.31
C VAL B 182 -16.33 -13.10 13.55
N TYR B 183 -15.89 -11.98 12.99
CA TYR B 183 -16.74 -10.78 13.00
C TYR B 183 -16.45 -9.94 11.79
N ALA B 184 -17.51 -9.42 11.18
CA ALA B 184 -17.39 -8.46 10.07
C ALA B 184 -18.47 -7.41 10.29
N HIS B 185 -18.14 -6.13 10.18
CA HIS B 185 -19.14 -5.12 10.52
C HIS B 185 -20.24 -5.21 9.45
N PRO B 186 -21.52 -5.25 9.86
CA PRO B 186 -22.67 -5.38 8.93
C PRO B 186 -22.74 -4.32 7.80
N GLN B 187 -22.30 -3.11 8.07
CA GLN B 187 -22.36 -2.03 7.10
C GLN B 187 -21.02 -1.80 6.41
N GLY B 188 -20.09 -2.74 6.59
CA GLY B 188 -18.84 -2.66 5.88
C GLY B 188 -17.82 -1.69 6.48
N GLN B 189 -18.07 -1.20 7.69
CA GLN B 189 -17.04 -0.36 8.34
C GLN B 189 -15.81 -1.19 8.64
N THR B 190 -14.64 -0.60 8.45
CA THR B 190 -13.40 -1.22 8.84
C THR B 190 -13.23 -1.35 10.35
N VAL B 191 -12.88 -2.56 10.79
CA VAL B 191 -12.42 -2.76 12.18
C VAL B 191 -11.02 -3.36 12.25
N ALA B 192 -10.29 -3.04 13.32
CA ALA B 192 -8.88 -3.42 13.46
C ALA B 192 -8.51 -3.39 14.96
N GLY B 193 -7.26 -3.60 15.33
CA GLY B 193 -6.81 -3.26 16.68
C GLY B 193 -7.34 -4.20 17.79
N ALA B 194 -7.57 -5.44 17.43
CA ALA B 194 -8.18 -6.41 18.38
C ALA B 194 -7.37 -6.56 19.73
N ARG B 195 -8.13 -6.61 20.84
CA ARG B 195 -7.69 -7.13 22.14
C ARG B 195 -8.73 -8.20 22.51
N MET B 196 -8.34 -9.31 23.11
CA MET B 196 -9.29 -10.40 23.36
C MET B 196 -9.33 -10.73 24.83
N TYR B 197 -10.55 -10.98 25.37
CA TYR B 197 -10.70 -11.21 26.82
C TYR B 197 -11.60 -12.41 27.14
N LYS B 198 -11.34 -13.04 28.29
CA LYS B 198 -12.30 -13.97 28.87
CA LYS B 198 -12.30 -13.97 28.87
C LYS B 198 -12.86 -13.30 30.11
N ILE B 199 -14.15 -12.95 30.10
CA ILE B 199 -14.73 -12.19 31.24
C ILE B 199 -16.09 -12.78 31.65
N ARG B 200 -16.20 -13.10 32.93
CA ARG B 200 -17.44 -13.61 33.52
C ARG B 200 -18.01 -14.72 32.63
N GLY B 201 -17.16 -15.63 32.18
CA GLY B 201 -17.58 -16.78 31.42
C GLY B 201 -17.85 -16.64 29.93
N ASN B 202 -17.63 -15.46 29.35
CA ASN B 202 -17.81 -15.32 27.88
C ASN B 202 -16.60 -14.63 27.30
N TYR B 203 -16.52 -14.64 25.98
CA TYR B 203 -15.38 -14.08 25.27
C TYR B 203 -15.75 -12.75 24.68
N TYR B 204 -14.84 -11.81 24.80
CA TYR B 204 -15.08 -10.45 24.27
C TYR B 204 -13.86 -10.07 23.44
N ILE B 205 -14.07 -9.27 22.39
CA ILE B 205 -12.95 -8.73 21.67
C ILE B 205 -13.27 -7.25 21.53
N LEU B 206 -12.32 -6.39 21.86
CA LEU B 206 -12.43 -4.96 21.61
C LEU B 206 -11.79 -4.66 20.26
N VAL B 207 -12.48 -3.88 19.42
CA VAL B 207 -11.87 -3.47 18.16
C VAL B 207 -12.06 -1.98 17.98
N THR B 208 -11.22 -1.37 17.15
CA THR B 208 -11.39 0.05 16.86
C THR B 208 -11.90 0.17 15.42
N ARG B 209 -12.74 1.17 15.19
CA ARG B 209 -12.99 1.66 13.81
C ARG B 209 -12.04 2.84 13.61
N PRO B 210 -10.99 2.69 12.78
CA PRO B 210 -9.99 3.77 12.76
C PRO B 210 -10.61 5.10 12.25
N ALA B 211 -10.39 6.24 12.91
CA ALA B 211 -9.71 6.31 14.21
C ALA B 211 -10.60 7.09 15.19
N ASP B 212 -11.88 6.82 15.16
CA ASP B 212 -12.80 7.58 15.97
C ASP B 212 -13.78 6.75 16.78
N ALA B 213 -13.71 5.42 16.72
CA ALA B 213 -14.67 4.64 17.51
C ALA B 213 -14.05 3.34 18.05
N GLU B 214 -14.70 2.80 19.07
CA GLU B 214 -14.33 1.48 19.61
C GLU B 214 -15.62 0.69 19.76
N TYR B 215 -15.59 -0.56 19.32
CA TYR B 215 -16.72 -1.45 19.52
C TYR B 215 -16.34 -2.59 20.45
N VAL B 216 -17.29 -3.06 21.25
CA VAL B 216 -17.07 -4.29 22.01
C VAL B 216 -17.79 -5.46 21.34
N LEU B 217 -17.05 -6.55 21.04
CA LEU B 217 -17.63 -7.75 20.46
C LEU B 217 -17.76 -8.84 21.52
N ARG B 218 -18.85 -9.60 21.46
CA ARG B 218 -19.08 -10.63 22.44
C ARG B 218 -19.52 -11.88 21.69
N SER B 219 -18.98 -13.04 22.10
CA SER B 219 -19.25 -14.29 21.39
C SER B 219 -20.72 -14.65 21.58
N THR B 220 -21.41 -14.96 20.50
CA THR B 220 -22.84 -15.34 20.64
C THR B 220 -23.04 -16.80 21.03
N THR B 221 -22.00 -17.61 20.91
CA THR B 221 -22.11 -19.04 21.21
C THR B 221 -21.42 -19.39 22.51
N GLY B 222 -20.58 -18.51 23.02
CA GLY B 222 -19.77 -18.80 24.19
C GLY B 222 -18.48 -19.50 23.84
N SER B 223 -18.25 -19.71 22.54
CA SER B 223 -16.97 -20.20 22.03
C SER B 223 -16.02 -19.04 21.69
N PRO B 224 -14.69 -19.23 21.87
CA PRO B 224 -13.73 -18.20 21.45
C PRO B 224 -13.80 -17.93 19.94
N PHE B 225 -14.26 -18.91 19.18
CA PHE B 225 -14.41 -18.74 17.73
C PHE B 225 -15.70 -18.01 17.30
N GLY B 226 -16.52 -17.61 18.26
CA GLY B 226 -17.71 -16.83 17.95
C GLY B 226 -18.77 -17.69 17.25
N PRO B 227 -19.46 -17.10 16.25
CA PRO B 227 -19.30 -15.71 15.80
C PRO B 227 -19.61 -14.66 16.89
N TYR B 228 -19.32 -13.40 16.60
CA TYR B 228 -19.40 -12.29 17.56
C TYR B 228 -20.43 -11.31 17.09
N GLU B 229 -21.14 -10.69 18.05
CA GLU B 229 -22.00 -9.51 17.77
C GLU B 229 -21.39 -8.30 18.50
N ALA B 230 -21.82 -7.09 18.16
CA ALA B 230 -21.12 -5.87 18.56
C ALA B 230 -22.04 -4.86 19.28
N ARG B 231 -21.47 -4.08 20.19
CA ARG B 231 -22.12 -2.84 20.63
C ARG B 231 -21.06 -1.76 20.53
N THR B 232 -21.48 -0.49 20.49
CA THR B 232 -20.53 0.59 20.53
C THR B 232 -20.03 0.73 21.96
N LEU B 233 -18.75 0.99 22.13
CA LEU B 233 -18.21 1.36 23.43
C LEU B 233 -17.99 2.86 23.46
N VAL B 234 -17.27 3.40 22.48
CA VAL B 234 -17.30 4.85 22.25
C VAL B 234 -17.39 5.09 20.76
N SER B 235 -17.99 6.21 20.39
CA SER B 235 -18.03 6.60 18.98
C SER B 235 -17.99 8.14 18.89
N ARG B 236 -16.91 8.68 18.36
CA ARG B 236 -16.68 10.13 18.29
C ARG B 236 -17.00 10.83 19.61
N ILE B 237 -16.56 10.24 20.71
CA ILE B 237 -16.81 10.82 22.02
C ILE B 237 -15.94 12.06 22.16
N GLN B 238 -16.47 13.10 22.76
CA GLN B 238 -15.69 14.32 22.93
C GLN B 238 -14.86 14.21 24.21
N GLY B 239 -13.69 14.82 24.23
CA GLY B 239 -12.84 14.89 25.43
C GLY B 239 -11.91 13.69 25.53
N PRO B 240 -10.97 13.67 26.49
CA PRO B 240 -10.73 14.71 27.52
C PRO B 240 -9.71 15.79 27.12
N LEU B 241 -9.25 15.76 25.89
CA LEU B 241 -8.22 16.68 25.39
C LEU B 241 -8.67 17.27 24.06
N ALA B 242 -8.47 18.56 23.84
CA ALA B 242 -8.80 19.20 22.56
C ALA B 242 -7.70 18.96 21.53
N ASN B 243 -8.06 19.01 20.24
CA ASN B 243 -7.07 18.96 19.13
C ASN B 243 -6.20 17.74 19.18
N ALA B 244 -6.82 16.61 19.54
CA ALA B 244 -6.08 15.37 19.74
C ALA B 244 -6.87 14.19 19.21
N GLY B 245 -7.63 14.41 18.14
CA GLY B 245 -8.48 13.35 17.60
C GLY B 245 -9.50 12.85 18.63
N PHE B 246 -9.69 11.53 18.62
CA PHE B 246 -10.69 10.85 19.42
C PHE B 246 -10.05 9.74 20.22
N ALA B 247 -10.52 9.54 21.42
CA ALA B 247 -10.08 8.42 22.23
C ALA B 247 -10.55 7.17 21.52
N HIS B 248 -9.64 6.24 21.22
CA HIS B 248 -10.03 4.98 20.57
C HIS B 248 -8.95 3.92 20.82
N GLN B 249 -9.21 2.70 20.35
CA GLN B 249 -8.30 1.57 20.49
C GLN B 249 -7.96 1.31 21.98
N GLY B 250 -6.81 0.74 22.31
CA GLY B 250 -6.54 0.47 23.71
C GLY B 250 -7.31 -0.78 24.17
N GLY B 251 -7.49 -0.91 25.49
CA GLY B 251 -8.00 -2.14 26.09
C GLY B 251 -8.67 -1.88 27.43
N ILE B 252 -9.25 -2.94 28.00
CA ILE B 252 -9.96 -2.81 29.29
C ILE B 252 -9.28 -3.69 30.32
N VAL B 253 -9.41 -3.32 31.59
CA VAL B 253 -8.73 -4.05 32.66
C VAL B 253 -9.48 -3.84 33.97
N ASP B 254 -9.49 -4.87 34.80
CA ASP B 254 -10.16 -4.75 36.09
C ASP B 254 -9.13 -4.44 37.17
N ALA B 255 -9.54 -3.59 38.13
CA ALA B 255 -8.72 -3.23 39.29
C ALA B 255 -8.98 -4.30 40.35
N PRO B 256 -8.13 -4.38 41.39
CA PRO B 256 -8.40 -5.36 42.45
C PRO B 256 -9.75 -5.15 43.17
N ASP B 257 -10.33 -3.94 43.20
CA ASP B 257 -11.64 -3.75 43.86
C ASP B 257 -12.81 -4.26 43.00
N GLY B 258 -12.47 -4.76 41.82
CA GLY B 258 -13.46 -5.33 40.93
C GLY B 258 -13.98 -4.39 39.86
N THR B 259 -13.70 -3.10 39.98
CA THR B 259 -14.17 -2.15 38.97
C THR B 259 -13.29 -2.17 37.74
N TRP B 260 -13.92 -2.09 36.59
CA TRP B 260 -13.24 -2.14 35.35
C TRP B 260 -12.94 -0.73 34.82
N HIS B 261 -11.91 -0.63 34.00
CA HIS B 261 -11.48 0.65 33.41
C HIS B 261 -11.13 0.48 31.91
N TYR B 262 -11.42 1.50 31.10
CA TYR B 262 -11.06 1.48 29.68
C TYR B 262 -9.88 2.43 29.55
N VAL B 263 -8.74 1.89 29.07
CA VAL B 263 -7.54 2.68 28.78
C VAL B 263 -7.45 2.81 27.27
N ALA B 264 -7.69 4.01 26.75
CA ALA B 264 -7.66 4.25 25.30
C ALA B 264 -6.51 5.23 24.99
N PHE B 265 -6.33 5.62 23.75
CA PHE B 265 -5.31 6.68 23.56
C PHE B 265 -5.84 7.67 22.59
N MET B 266 -5.26 8.87 22.61
CA MET B 266 -5.73 9.94 21.73
C MET B 266 -4.62 10.32 20.73
N ASP B 267 -5.01 10.85 19.58
CA ASP B 267 -4.04 11.23 18.53
C ASP B 267 -3.50 12.62 18.82
N ALA B 268 -2.70 12.77 19.87
CA ALA B 268 -2.25 14.10 20.34
C ALA B 268 -0.96 14.59 19.61
N TYR B 269 -0.97 14.50 18.29
CA TYR B 269 0.16 15.00 17.49
C TYR B 269 0.21 16.51 17.63
N PRO B 270 1.41 17.11 17.60
CA PRO B 270 2.70 16.51 17.23
C PRO B 270 3.47 15.72 18.31
N GLY B 271 2.90 15.64 19.52
CA GLY B 271 3.47 14.84 20.61
C GLY B 271 3.43 13.34 20.41
N GLY B 272 2.38 12.83 19.75
CA GLY B 272 2.23 11.41 19.53
C GLY B 272 0.91 10.95 20.16
N ARG B 273 0.79 9.68 20.52
CA ARG B 273 -0.50 9.12 20.93
C ARG B 273 -0.42 8.72 22.39
N ILE B 274 -1.29 9.31 23.22
CA ILE B 274 -1.09 9.24 24.65
C ILE B 274 -2.34 8.68 25.34
N PRO B 275 -2.13 7.93 26.46
CA PRO B 275 -3.21 7.18 27.10
C PRO B 275 -4.14 8.05 27.94
N VAL B 276 -5.45 7.77 27.89
CA VAL B 276 -6.49 8.40 28.74
C VAL B 276 -7.30 7.25 29.35
N VAL B 277 -7.87 7.43 30.55
CA VAL B 277 -8.51 6.33 31.26
C VAL B 277 -9.92 6.81 31.71
N ALA B 278 -10.90 5.89 31.68
CA ALA B 278 -12.26 6.16 32.18
C ALA B 278 -12.75 4.88 32.86
N PRO B 279 -13.63 5.01 33.87
CA PRO B 279 -14.18 3.79 34.44
C PRO B 279 -15.22 3.16 33.51
N LEU B 280 -15.54 1.88 33.73
CA LEU B 280 -16.54 1.17 32.95
C LEU B 280 -17.65 0.69 33.90
N ARG B 281 -18.88 0.60 33.41
CA ARG B 281 -19.92 -0.08 34.17
C ARG B 281 -20.34 -1.28 33.34
N TRP B 282 -20.95 -2.28 33.96
CA TRP B 282 -21.44 -3.42 33.20
C TRP B 282 -22.96 -3.41 33.26
N THR B 283 -23.63 -3.51 32.11
CA THR B 283 -25.09 -3.57 32.05
C THR B 283 -25.58 -4.89 32.65
N ALA B 284 -26.87 -4.94 32.95
CA ALA B 284 -27.47 -6.18 33.45
C ALA B 284 -27.34 -7.28 32.40
N ASP B 285 -27.44 -6.94 31.11
CA ASP B 285 -27.37 -7.98 30.06
C ASP B 285 -25.94 -8.30 29.54
N GLY B 286 -24.92 -7.89 30.28
CA GLY B 286 -23.57 -8.41 30.11
C GLY B 286 -22.66 -7.63 29.17
N TRP B 287 -22.85 -6.33 29.07
CA TRP B 287 -22.04 -5.48 28.17
C TRP B 287 -21.35 -4.34 28.91
N PRO B 288 -20.10 -3.99 28.55
CA PRO B 288 -19.48 -2.90 29.30
C PRO B 288 -19.84 -1.55 28.69
N GLU B 289 -19.88 -0.47 29.47
CA GLU B 289 -20.15 0.87 28.97
C GLU B 289 -19.23 1.87 29.68
N VAL B 290 -18.80 2.91 28.96
CA VAL B 290 -17.93 3.92 29.53
C VAL B 290 -18.77 4.81 30.45
N VAL B 291 -18.25 5.13 31.63
CA VAL B 291 -18.89 6.11 32.50
C VAL B 291 -18.40 7.49 32.04
N THR B 292 -19.29 8.30 31.45
CA THR B 292 -18.86 9.61 30.96
C THR B 292 -18.98 10.65 32.07
N ASP B 293 -18.55 11.91 31.82
CA ASP B 293 -18.87 13.00 32.73
C ASP B 293 -20.36 13.37 32.55
N SER B 294 -20.79 14.46 33.18
CA SER B 294 -22.21 14.73 33.25
C SER B 294 -22.74 15.24 31.91
N GLN B 295 -21.85 15.63 31.01
CA GLN B 295 -22.29 16.08 29.69
C GLN B 295 -22.01 15.03 28.59
N GLY B 296 -21.80 13.78 29.02
CA GLY B 296 -21.58 12.68 28.10
C GLY B 296 -20.21 12.64 27.44
N ARG B 297 -19.24 13.36 28.00
CA ARG B 297 -17.89 13.36 27.47
C ARG B 297 -16.99 12.36 28.20
N TRP B 298 -15.84 12.05 27.58
CA TRP B 298 -14.78 11.36 28.29
C TRP B 298 -14.22 12.37 29.29
N GLY B 299 -14.32 12.02 30.57
CA GLY B 299 -14.10 12.98 31.65
C GLY B 299 -12.63 13.41 31.75
N THR B 300 -12.42 14.67 32.10
CA THR B 300 -11.08 15.20 32.33
C THR B 300 -10.53 14.68 33.66
N SER B 301 -11.39 14.44 34.63
CA SER B 301 -10.98 13.77 35.83
C SER B 301 -11.94 12.66 36.31
N TYR B 302 -11.41 11.69 37.05
CA TYR B 302 -12.21 10.63 37.64
C TYR B 302 -11.62 10.21 38.98
N PRO B 303 -12.38 9.43 39.76
CA PRO B 303 -11.86 8.80 40.98
C PRO B 303 -10.62 7.95 40.72
N ILE B 304 -9.64 7.99 41.61
CA ILE B 304 -8.40 7.21 41.44
C ILE B 304 -8.82 5.71 41.40
N PRO B 305 -8.27 4.91 40.44
CA PRO B 305 -8.75 3.51 40.34
C PRO B 305 -8.35 2.60 41.50
N VAL B 306 -7.29 2.97 42.22
CA VAL B 306 -6.79 2.19 43.34
C VAL B 306 -6.35 3.18 44.40
N ARG B 307 -7.01 3.13 45.55
CA ARG B 307 -6.69 4.03 46.65
C ARG B 307 -5.57 3.45 47.47
N GLY B 308 -4.75 4.32 48.07
CA GLY B 308 -3.62 3.89 48.89
C GLY B 308 -2.64 3.07 48.07
N ALA B 309 -2.51 3.39 46.79
CA ALA B 309 -1.65 2.60 45.91
C ALA B 309 -0.19 2.81 46.24
N LYS B 310 0.61 1.78 46.04
CA LYS B 310 2.05 1.92 46.09
C LYS B 310 2.53 2.88 45.00
N ASN B 311 3.72 3.46 45.19
CA ASN B 311 4.39 4.13 44.08
C ASN B 311 5.71 3.42 43.77
N ALA B 312 6.13 3.48 42.51
CA ALA B 312 7.28 2.71 42.04
C ALA B 312 8.63 3.41 42.25
N THR B 313 8.97 4.25 41.29
CA THR B 313 10.36 4.59 41.00
C THR B 313 11.32 3.41 41.27
N GLU B 314 11.37 2.46 40.35
CA GLU B 314 12.60 1.73 40.12
C GLU B 314 13.13 2.35 38.84
N GLY B 315 14.40 2.71 38.84
CA GLY B 315 14.99 3.40 37.72
C GLY B 315 14.67 4.88 37.70
N LEU B 316 15.29 5.58 36.76
CA LEU B 316 15.12 7.01 36.55
C LEU B 316 13.72 7.35 36.05
N ALA B 317 13.11 8.36 36.65
CA ALA B 317 11.92 8.98 36.07
C ALA B 317 12.28 9.74 34.78
N SER B 318 11.26 10.02 33.96
CA SER B 318 11.45 10.74 32.69
C SER B 318 12.23 12.04 32.83
N THR B 319 12.00 12.77 33.91
CA THR B 319 12.63 14.09 34.05
C THR B 319 13.90 14.02 34.92
N ASP B 320 14.33 12.81 35.32
CA ASP B 320 15.53 12.66 36.15
C ASP B 320 16.78 12.83 35.30
N LEU B 321 17.76 13.56 35.83
CA LEU B 321 19.09 13.66 35.19
C LEU B 321 19.62 12.26 34.92
N ASP B 322 20.09 12.00 33.69
CA ASP B 322 20.65 10.71 33.32
C ASP B 322 22.08 10.94 32.84
N GLU B 323 23.06 10.51 33.63
CA GLU B 323 24.48 10.63 33.25
C GLU B 323 25.03 9.30 32.75
N PHE B 324 24.12 8.44 32.30
CA PHE B 324 24.46 7.08 31.80
C PHE B 324 25.34 6.31 32.76
N ARG B 325 24.91 6.26 34.02
CA ARG B 325 25.65 5.51 35.01
C ARG B 325 25.34 4.02 34.74
N GLY B 326 26.27 3.12 35.01
CA GLY B 326 26.02 1.70 34.83
C GLY B 326 26.23 1.24 33.40
N THR B 327 26.00 -0.03 33.16
CA THR B 327 26.36 -0.57 31.85
C THR B 327 25.17 -0.89 30.97
N ARG B 328 23.95 -0.50 31.39
CA ARG B 328 22.82 -0.58 30.44
C ARG B 328 22.01 0.71 30.45
N PHE B 329 21.34 0.98 29.32
CA PHE B 329 20.52 2.18 29.22
C PHE B 329 19.32 2.10 30.13
N SER B 330 18.89 3.23 30.67
CA SER B 330 17.55 3.28 31.25
C SER B 330 16.49 2.94 30.20
N GLU B 331 15.28 2.65 30.67
CA GLU B 331 14.22 2.17 29.79
C GLU B 331 13.68 3.29 28.92
N HIS B 332 14.14 4.50 29.16
CA HIS B 332 13.64 5.63 28.33
C HIS B 332 14.25 5.71 26.93
N TRP B 333 15.40 5.10 26.73
CA TRP B 333 16.13 5.33 25.49
C TRP B 333 15.90 4.23 24.46
N GLU B 334 15.78 4.61 23.19
CA GLU B 334 15.72 3.67 22.06
C GLU B 334 16.46 4.28 20.88
N TRP B 335 17.21 3.45 20.19
CA TRP B 335 17.93 3.84 18.99
C TRP B 335 16.98 3.86 17.77
N ASN B 336 17.29 4.72 16.81
CA ASN B 336 16.62 4.71 15.53
C ASN B 336 17.22 3.56 14.69
N HIS B 337 16.43 2.50 14.49
CA HIS B 337 16.91 1.19 13.95
C HIS B 337 17.87 0.50 14.90
N ASN B 338 18.27 -0.75 14.64
CA ASN B 338 19.19 -1.44 15.56
C ASN B 338 20.53 -0.75 15.60
N PRO B 339 21.16 -0.71 16.77
CA PRO B 339 22.43 0.02 16.76
C PRO B 339 23.59 -0.88 16.26
N ASP B 340 24.69 -0.24 15.81
CA ASP B 340 25.94 -0.97 15.61
C ASP B 340 26.67 -1.07 16.97
N THR B 341 26.64 -2.23 17.61
CA THR B 341 27.09 -2.30 19.00
C THR B 341 28.63 -2.14 19.11
N SER B 342 29.36 -2.31 18.01
CA SER B 342 30.81 -2.07 18.04
C SER B 342 31.14 -0.56 18.10
N LYS B 343 30.13 0.26 17.95
CA LYS B 343 30.39 1.70 17.76
C LYS B 343 29.89 2.56 18.91
N PHE B 344 29.30 1.96 19.94
CA PHE B 344 29.07 2.72 21.17
C PHE B 344 29.54 1.96 22.42
N THR B 345 29.76 2.69 23.51
CA THR B 345 30.21 2.08 24.75
C THR B 345 29.61 2.84 25.92
N LEU B 346 28.94 2.13 26.84
CA LEU B 346 28.51 2.73 28.11
C LEU B 346 29.63 2.47 29.08
N LEU B 347 30.38 3.49 29.40
CA LEU B 347 31.58 3.33 30.23
C LEU B 347 31.25 2.73 31.61
N GLY B 348 30.12 3.14 32.16
CA GLY B 348 29.60 2.57 33.40
C GLY B 348 30.11 3.28 34.66
N GLY B 349 29.72 2.76 35.81
CA GLY B 349 30.13 3.34 37.08
C GLY B 349 29.40 4.63 37.36
N ASN B 350 29.73 5.20 38.52
CA ASN B 350 29.17 6.46 38.98
C ASN B 350 29.43 7.63 38.04
N GLU B 351 30.60 7.66 37.40
CA GLU B 351 30.96 8.75 36.50
C GLU B 351 30.16 8.63 35.19
N GLY B 352 29.87 7.41 34.77
CA GLY B 352 29.02 7.16 33.59
C GLY B 352 29.60 7.71 32.28
N GLY B 353 28.72 8.10 31.35
CA GLY B 353 29.12 8.64 30.06
C GLY B 353 28.93 7.60 28.98
N LEU B 354 28.47 8.04 27.81
CA LEU B 354 28.22 7.20 26.67
C LEU B 354 29.11 7.65 25.56
N ILE B 355 29.95 6.76 25.04
CA ILE B 355 30.77 7.11 23.87
C ILE B 355 30.01 6.72 22.62
N LEU B 356 29.86 7.67 21.70
CA LEU B 356 29.26 7.38 20.39
C LEU B 356 30.34 7.58 19.32
N ARG B 357 30.84 6.49 18.77
CA ARG B 357 31.79 6.51 17.68
C ARG B 357 31.01 6.57 16.37
N THR B 358 31.44 7.41 15.44
CA THR B 358 30.68 7.50 14.18
C THR B 358 30.59 6.08 13.59
N ALA B 359 29.39 5.72 13.10
CA ALA B 359 29.13 4.36 12.64
C ALA B 359 28.77 4.32 11.15
N THR B 360 28.55 5.48 10.54
CA THR B 360 28.07 5.48 9.14
C THR B 360 28.67 6.69 8.44
N VAL B 361 29.13 6.49 7.22
CA VAL B 361 29.62 7.61 6.41
C VAL B 361 28.49 7.96 5.48
N THR B 362 27.99 9.17 5.60
CA THR B 362 26.83 9.60 4.84
C THR B 362 26.67 11.10 4.94
N GLY B 363 25.92 11.70 4.01
CA GLY B 363 25.53 13.11 4.12
C GLY B 363 24.13 13.28 4.74
N ASP B 364 23.49 12.15 5.07
CA ASP B 364 22.04 12.10 5.30
C ASP B 364 21.78 11.56 6.69
N LEU B 365 21.36 12.43 7.61
CA LEU B 365 21.09 12.00 8.98
C LEU B 365 20.19 10.78 9.06
N PHE B 366 19.20 10.71 8.16
CA PHE B 366 18.26 9.56 8.20
C PHE B 366 18.93 8.22 7.83
N ALA B 367 20.08 8.32 7.18
CA ALA B 367 20.85 7.11 6.88
C ALA B 367 21.83 6.71 7.99
N ALA B 368 22.01 7.57 8.99
CA ALA B 368 23.05 7.31 9.99
C ALA B 368 22.60 6.32 11.08
N ARG B 369 23.42 5.33 11.32
CA ARG B 369 23.26 4.45 12.49
C ARG B 369 23.61 5.16 13.83
N ASN B 370 23.03 4.62 14.90
CA ASN B 370 23.38 5.00 16.27
C ASN B 370 22.94 6.42 16.65
N THR B 371 21.78 6.81 16.16
CA THR B 371 21.06 7.99 16.70
C THR B 371 20.21 7.51 17.87
N LEU B 372 20.48 8.04 19.06
CA LEU B 372 19.85 7.58 20.28
C LEU B 372 18.68 8.54 20.65
N THR B 373 17.47 8.01 20.90
CA THR B 373 16.26 8.87 20.99
C THR B 373 15.42 8.59 22.23
N ARG B 374 14.55 9.53 22.60
CA ARG B 374 13.60 9.23 23.68
C ARG B 374 12.40 10.14 23.53
N ARG B 375 11.33 9.78 24.20
CA ARG B 375 10.04 10.47 24.07
C ARG B 375 10.07 11.84 24.73
N ILE B 376 9.32 12.77 24.17
CA ILE B 376 9.12 14.09 24.79
C ILE B 376 7.86 14.06 25.63
N ALA B 377 7.95 14.53 26.87
CA ALA B 377 6.76 14.63 27.73
C ALA B 377 6.06 15.94 27.47
N GLY B 378 4.73 15.89 27.37
CA GLY B 378 3.97 17.07 27.00
C GLY B 378 3.31 17.75 28.21
N PRO B 379 2.71 18.94 28.00
CA PRO B 379 2.57 19.62 26.71
C PRO B 379 3.86 20.30 26.21
N LYS B 380 4.79 20.63 27.10
CA LYS B 380 5.98 21.37 26.68
C LYS B 380 7.17 20.92 27.53
N ALA B 381 8.32 20.74 26.90
CA ALA B 381 9.47 20.22 27.60
C ALA B 381 10.76 20.64 26.92
N SER B 382 11.82 20.73 27.72
CA SER B 382 13.11 21.16 27.21
C SER B 382 14.03 19.96 27.41
N GLY B 383 14.75 19.53 26.37
CA GLY B 383 15.67 18.41 26.48
C GLY B 383 17.11 18.97 26.33
N ILE B 384 18.00 18.64 27.24
CA ILE B 384 19.35 19.18 27.22
C ILE B 384 20.39 18.06 27.26
N PHE B 385 21.30 18.02 26.27
CA PHE B 385 22.35 17.00 26.19
C PHE B 385 23.65 17.70 26.48
N ARG B 386 24.48 17.07 27.28
CA ARG B 386 25.78 17.64 27.61
C ARG B 386 26.87 16.77 26.99
N LEU B 387 27.75 17.36 26.19
CA LEU B 387 28.72 16.57 25.44
C LEU B 387 30.15 17.03 25.63
N ASP B 388 31.06 16.11 25.31
CA ASP B 388 32.47 16.39 25.11
C ASP B 388 32.74 15.94 23.67
N VAL B 389 32.95 16.93 22.80
CA VAL B 389 33.13 16.65 21.37
C VAL B 389 34.63 16.75 20.91
N ARG B 390 35.58 16.75 21.86
CA ARG B 390 37.01 16.85 21.44
C ARG B 390 37.44 15.74 20.49
N GLY B 391 36.74 14.60 20.54
CA GLY B 391 37.09 13.43 19.73
C GLY B 391 36.60 13.49 18.28
N MET B 392 35.89 14.54 17.90
CA MET B 392 35.35 14.61 16.50
C MET B 392 36.49 14.76 15.50
N ARG B 393 36.33 14.11 14.34
CA ARG B 393 37.30 14.25 13.26
C ARG B 393 36.68 14.91 12.03
N ASP B 394 37.54 15.26 11.07
CA ASP B 394 37.14 15.98 9.87
C ASP B 394 35.97 15.30 9.16
N GLY B 395 34.90 16.05 8.92
CA GLY B 395 33.71 15.50 8.26
C GLY B 395 32.63 15.09 9.27
N ASP B 396 32.91 15.10 10.58
CA ASP B 396 31.94 14.55 11.55
C ASP B 396 30.86 15.59 11.85
N ARG B 397 29.66 15.12 12.19
CA ARG B 397 28.51 16.00 12.51
C ARG B 397 27.82 15.33 13.64
N ALA B 398 27.64 16.02 14.77
CA ALA B 398 27.05 15.41 15.96
C ALA B 398 26.16 16.46 16.61
N GLY B 399 25.20 16.05 17.44
CA GLY B 399 24.28 17.06 17.91
C GLY B 399 23.03 16.48 18.52
N ALA B 400 22.18 17.43 18.90
CA ALA B 400 20.92 17.15 19.55
C ALA B 400 19.83 17.43 18.52
N VAL B 401 19.07 16.39 18.16
CA VAL B 401 18.08 16.47 17.06
C VAL B 401 16.63 16.32 17.56
N LEU B 402 15.73 17.12 16.99
CA LEU B 402 14.28 16.97 17.22
C LEU B 402 13.91 16.03 16.12
N PHE B 403 13.76 14.76 16.48
CA PHE B 403 13.78 13.69 15.49
C PHE B 403 12.38 13.24 15.10
N ARG B 404 12.13 13.26 13.80
CA ARG B 404 10.95 12.65 13.20
C ARG B 404 11.17 12.74 11.67
N ASP B 405 10.11 12.51 10.90
CA ASP B 405 10.18 12.65 9.43
C ASP B 405 10.36 14.10 8.93
N ARG B 406 10.04 15.10 9.76
CA ARG B 406 10.44 16.49 9.48
C ARG B 406 11.24 16.97 10.70
N ALA B 407 12.55 17.11 10.56
CA ALA B 407 13.41 17.18 11.74
C ALA B 407 14.32 18.41 11.67
N ALA B 408 14.99 18.71 12.78
CA ALA B 408 15.92 19.87 12.87
C ALA B 408 16.85 19.56 13.97
N TYR B 409 18.04 20.16 13.96
CA TYR B 409 18.94 19.96 15.09
C TYR B 409 19.87 21.10 15.36
N ILE B 410 20.48 21.08 16.54
CA ILE B 410 21.58 21.99 16.78
C ILE B 410 22.74 21.10 17.16
N GLY B 411 23.91 21.43 16.64
CA GLY B 411 25.01 20.46 16.72
C GLY B 411 26.34 21.11 16.40
N VAL B 412 27.33 20.25 16.21
CA VAL B 412 28.65 20.69 15.91
C VAL B 412 29.13 20.00 14.64
N TRP B 413 29.76 20.76 13.76
CA TRP B 413 30.33 20.22 12.53
C TRP B 413 31.83 20.42 12.66
N LYS B 414 32.61 19.36 12.46
CA LYS B 414 34.06 19.43 12.46
C LYS B 414 34.53 19.43 11.01
N GLN B 415 35.17 20.49 10.54
CA GLN B 415 35.67 20.53 9.16
C GLN B 415 37.14 20.93 9.21
N GLY B 416 38.00 20.07 8.71
CA GLY B 416 39.43 20.25 8.94
C GLY B 416 39.66 20.43 10.42
N ASN B 417 40.38 21.48 10.79
CA ASN B 417 40.59 21.75 12.21
C ASN B 417 39.55 22.67 12.87
N GLU B 418 38.45 22.98 12.19
CA GLU B 418 37.45 23.94 12.73
C GLU B 418 36.27 23.15 13.30
N ALA B 419 35.92 23.41 14.55
CA ALA B 419 34.64 22.90 15.06
C ALA B 419 33.74 24.11 15.25
N ARG B 420 32.53 24.03 14.69
CA ARG B 420 31.56 25.13 14.71
C ARG B 420 30.17 24.63 15.11
N ILE B 421 29.44 25.44 15.86
CA ILE B 421 28.07 25.09 16.21
C ILE B 421 27.17 25.54 15.05
N VAL B 422 26.23 24.68 14.65
CA VAL B 422 25.29 24.99 13.56
C VAL B 422 23.87 24.61 13.98
N MET B 423 22.87 25.23 13.39
CA MET B 423 21.49 24.78 13.54
C MET B 423 21.05 24.41 12.15
N VAL B 424 20.50 23.21 12.01
CA VAL B 424 20.10 22.68 10.70
C VAL B 424 18.62 22.36 10.67
N ASP B 425 17.92 22.81 9.62
CA ASP B 425 16.53 22.42 9.46
C ASP B 425 16.25 21.81 8.10
N ASP B 426 14.97 21.58 7.81
CA ASP B 426 14.60 21.02 6.51
C ASP B 426 15.17 19.62 6.27
N LEU B 427 15.29 18.82 7.32
CA LEU B 427 15.56 17.39 7.14
C LEU B 427 14.22 16.69 6.96
N ARG B 428 14.04 16.01 5.84
CA ARG B 428 12.72 15.50 5.46
C ARG B 428 12.78 14.14 4.82
N LEU B 429 12.00 13.20 5.35
CA LEU B 429 11.62 11.99 4.65
C LEU B 429 10.36 12.27 3.81
N ASN B 430 10.21 11.54 2.70
CA ASN B 430 9.02 11.67 1.86
C ASN B 430 8.02 10.71 2.45
N GLU B 431 6.84 11.18 2.89
CA GLU B 431 5.83 10.25 3.46
C GLU B 431 5.45 9.13 2.50
N ASP B 432 5.52 9.38 1.20
CA ASP B 432 5.23 8.34 0.24
C ASP B 432 6.50 7.50 -0.04
N GLY B 433 6.71 6.45 0.76
CA GLY B 433 7.80 5.50 0.52
C GLY B 433 8.97 5.66 1.48
N TRP B 434 9.02 6.80 2.18
CA TRP B 434 9.99 7.04 3.27
C TRP B 434 11.44 7.09 2.77
N ARG B 435 11.65 7.52 1.52
CA ARG B 435 13.01 7.85 1.10
C ARG B 435 13.32 9.29 1.47
N THR B 436 14.59 9.61 1.60
CA THR B 436 14.98 10.97 2.00
C THR B 436 14.56 12.01 0.97
N ALA B 437 13.82 13.03 1.40
CA ALA B 437 13.46 14.08 0.45
C ALA B 437 14.44 15.25 0.54
N SER B 438 14.99 15.50 1.72
CA SER B 438 15.95 16.58 1.87
C SER B 438 16.92 16.28 3.00
N THR B 439 18.22 16.47 2.74
CA THR B 439 19.24 16.17 3.73
C THR B 439 19.62 17.39 4.58
N GLY B 440 18.83 18.47 4.50
CA GLY B 440 18.98 19.54 5.46
C GLY B 440 19.70 20.79 4.97
N ARG B 441 19.46 21.90 5.67
CA ARG B 441 19.92 23.23 5.31
C ARG B 441 20.53 23.85 6.61
N VAL B 442 21.75 24.37 6.56
CA VAL B 442 22.27 25.11 7.70
C VAL B 442 21.51 26.43 7.73
N ALA B 443 20.62 26.57 8.70
CA ALA B 443 19.76 27.73 8.87
C ALA B 443 20.49 28.83 9.60
N ALA B 444 21.48 28.49 10.43
CA ALA B 444 22.22 29.54 11.12
C ALA B 444 23.54 28.99 11.64
N ASN B 445 24.59 29.82 11.62
CA ASN B 445 25.87 29.37 12.20
C ASN B 445 26.09 30.02 13.58
N GLY B 446 26.45 29.20 14.55
CA GLY B 446 26.97 29.70 15.80
C GLY B 446 28.47 29.89 15.76
N PRO B 447 29.08 30.08 16.93
CA PRO B 447 30.51 30.35 17.02
C PRO B 447 31.40 29.15 16.68
N VAL B 448 32.59 29.44 16.19
CA VAL B 448 33.67 28.48 16.27
C VAL B 448 33.98 28.23 17.75
N ILE B 449 34.20 26.97 18.13
CA ILE B 449 34.43 26.65 19.54
C ILE B 449 35.82 26.08 19.72
N ASP B 450 36.55 26.60 20.71
CA ASP B 450 37.89 26.07 20.97
C ASP B 450 37.81 24.74 21.75
N THR B 451 38.97 24.14 21.96
CA THR B 451 39.04 22.84 22.62
C THR B 451 38.45 22.83 24.03
N ASN B 452 38.64 23.90 24.79
CA ASN B 452 37.98 23.97 26.10
C ASN B 452 36.46 23.99 25.98
N ALA B 453 35.92 24.70 24.99
CA ALA B 453 34.46 24.74 24.85
C ALA B 453 33.98 23.35 24.42
N GLN B 454 34.76 22.73 23.52
CA GLN B 454 34.43 21.43 23.00
C GLN B 454 34.33 20.41 24.10
N GLN B 455 35.10 20.60 25.17
CA GLN B 455 35.12 19.62 26.25
C GLN B 455 33.80 19.57 27.02
N ASP B 456 33.00 20.65 26.95
CA ASP B 456 31.75 20.70 27.73
C ASP B 456 30.72 21.58 27.04
N ILE B 457 30.04 21.07 26.01
CA ILE B 457 29.10 21.92 25.30
C ILE B 457 27.70 21.40 25.66
N TRP B 458 26.78 22.29 26.01
CA TRP B 458 25.41 21.88 26.30
C TRP B 458 24.48 22.26 25.11
N LEU B 459 23.67 21.32 24.62
CA LEU B 459 22.77 21.59 23.49
C LEU B 459 21.33 21.39 23.96
N ARG B 460 20.51 22.41 23.80
CA ARG B 460 19.17 22.43 24.41
C ARG B 460 18.04 22.59 23.36
N ILE B 461 16.97 21.80 23.51
CA ILE B 461 15.84 21.78 22.57
C ILE B 461 14.60 22.09 23.39
N ASP B 462 13.91 23.20 23.11
CA ASP B 462 12.67 23.58 23.82
C ASP B 462 11.51 23.25 22.87
N ALA B 463 10.83 22.13 23.15
CA ALA B 463 9.80 21.64 22.23
C ALA B 463 8.40 21.93 22.79
N ASP B 464 7.51 22.31 21.89
CA ASP B 464 6.10 22.51 22.22
C ASP B 464 5.33 21.41 21.51
N ILE B 465 4.80 20.46 22.27
CA ILE B 465 4.00 19.41 21.64
C ILE B 465 2.51 19.51 22.05
N THR B 466 2.07 20.73 22.41
CA THR B 466 0.67 20.96 22.68
C THR B 466 -0.17 20.47 21.47
N PRO B 467 -1.18 19.62 21.71
CA PRO B 467 -1.87 19.01 20.55
C PRO B 467 -2.38 20.08 19.59
N ALA B 468 -2.26 19.75 18.31
CA ALA B 468 -2.68 20.62 17.25
C ALA B 468 -3.31 19.75 16.13
N PHE B 469 -3.64 18.51 16.43
CA PHE B 469 -4.13 17.58 15.41
C PHE B 469 -5.47 18.07 14.86
N GLY B 470 -5.59 18.04 13.53
CA GLY B 470 -6.75 18.53 12.80
C GLY B 470 -6.87 20.06 12.75
N THR B 471 -5.91 20.81 13.28
CA THR B 471 -5.98 22.29 13.16
C THR B 471 -5.13 22.84 12.03
N ASN B 472 -5.13 24.15 11.84
CA ASN B 472 -4.27 24.74 10.82
CA ASN B 472 -4.27 24.74 10.82
C ASN B 472 -3.06 25.41 11.44
N THR B 473 -2.73 25.00 12.67
CA THR B 473 -1.57 25.56 13.36
C THR B 473 -0.48 24.53 13.60
N GLU B 474 0.74 24.85 13.19
CA GLU B 474 1.91 24.02 13.49
C GLU B 474 2.68 24.57 14.71
N ARG B 475 2.96 23.74 15.72
CA ARG B 475 3.74 24.17 16.86
C ARG B 475 5.23 24.38 16.47
N THR B 476 5.98 25.04 17.33
CA THR B 476 7.39 25.33 17.00
C THR B 476 8.31 24.90 18.13
N THR B 477 9.55 24.58 17.77
CA THR B 477 10.60 24.23 18.70
C THR B 477 11.75 25.23 18.52
N THR B 478 12.45 25.60 19.59
CA THR B 478 13.66 26.45 19.46
C THR B 478 14.90 25.78 20.06
N PHE B 479 16.08 26.19 19.60
CA PHE B 479 17.34 25.50 19.91
C PHE B 479 18.32 26.47 20.55
N TYR B 480 19.09 26.00 21.55
CA TYR B 480 20.02 26.85 22.28
C TYR B 480 21.29 26.09 22.57
N TYR B 481 22.39 26.80 22.78
CA TYR B 481 23.62 26.17 23.19
C TYR B 481 24.20 26.92 24.40
N SER B 482 24.95 26.18 25.21
CA SER B 482 25.78 26.79 26.26
C SER B 482 27.20 26.27 26.20
N ILE B 483 28.17 27.18 26.27
CA ILE B 483 29.57 26.78 26.44
C ILE B 483 30.15 27.34 27.74
N ASP B 484 29.29 27.65 28.73
CA ASP B 484 29.80 28.04 30.05
C ASP B 484 29.12 27.22 31.15
N GLY B 485 29.21 25.88 31.04
CA GLY B 485 28.69 25.00 32.06
C GLY B 485 27.19 25.01 32.18
N GLY B 486 26.51 25.52 31.17
CA GLY B 486 25.05 25.53 31.18
C GLY B 486 24.52 26.63 32.09
N ARG B 487 25.37 27.60 32.43
CA ARG B 487 24.98 28.74 33.24
C ARG B 487 24.25 29.77 32.39
N THR B 488 24.61 29.88 31.12
CA THR B 488 23.84 30.74 30.25
C THR B 488 23.66 30.07 28.90
N TYR B 489 22.48 30.21 28.33
CA TYR B 489 22.18 29.63 27.02
C TYR B 489 21.97 30.71 25.98
N THR B 490 22.42 30.47 24.75
CA THR B 490 22.04 31.43 23.70
C THR B 490 21.30 30.77 22.56
N ARG B 491 20.26 31.46 22.12
CA ARG B 491 19.37 30.97 21.08
C ARG B 491 20.10 30.94 19.74
N LEU B 492 19.85 29.93 18.92
CA LEU B 492 20.47 29.85 17.59
C LEU B 492 19.44 29.36 16.59
N GLY B 493 19.29 30.09 15.50
CA GLY B 493 18.41 29.64 14.44
C GLY B 493 16.97 30.08 14.63
N PRO B 494 16.14 29.85 13.60
CA PRO B 494 14.75 30.29 13.67
C PRO B 494 13.94 29.30 14.46
N ALA B 495 12.68 29.65 14.78
CA ALA B 495 11.78 28.69 15.41
C ALA B 495 11.48 27.61 14.36
N PHE B 496 11.41 26.35 14.75
CA PHE B 496 11.17 25.29 13.77
C PHE B 496 9.74 24.81 13.84
N ALA B 497 9.03 24.86 12.70
CA ALA B 497 7.64 24.44 12.63
C ALA B 497 7.57 22.93 12.51
N MET B 498 6.77 22.31 13.37
CA MET B 498 6.68 20.86 13.44
C MET B 498 5.49 20.34 12.65
N THR B 499 5.63 19.16 12.07
CA THR B 499 4.50 18.62 11.30
C THR B 499 3.41 18.01 12.18
N ASN B 500 2.13 18.11 11.76
CA ASN B 500 1.00 17.48 12.47
C ASN B 500 0.54 16.21 11.78
N SER B 501 1.31 15.74 10.80
CA SER B 501 0.92 14.57 10.03
C SER B 501 1.00 13.33 10.93
N TRP B 502 0.09 12.38 10.75
CA TRP B 502 0.14 11.14 11.54
C TRP B 502 0.92 10.02 10.84
N ARG B 503 1.36 10.24 9.59
CA ARG B 503 1.77 9.10 8.72
C ARG B 503 3.00 8.36 9.20
N TYR B 504 3.91 9.08 9.85
CA TYR B 504 5.07 8.47 10.46
C TYR B 504 4.70 7.70 11.76
N PHE B 505 3.46 7.90 12.23
CA PHE B 505 2.90 7.31 13.45
C PHE B 505 3.57 7.76 14.75
N THR B 506 4.87 7.52 14.91
CA THR B 506 5.60 7.89 16.16
C THR B 506 5.57 9.43 16.37
N GLY B 507 5.61 9.92 17.61
CA GLY B 507 5.64 11.34 17.87
C GLY B 507 7.04 11.92 17.71
N TYR B 508 7.20 13.23 17.81
CA TYR B 508 8.53 13.80 17.85
C TYR B 508 9.34 13.34 19.06
N ARG B 509 10.66 13.15 18.88
CA ARG B 509 11.54 12.70 19.98
C ARG B 509 12.73 13.63 20.13
N PHE B 510 13.35 13.58 21.31
CA PHE B 510 14.66 14.18 21.49
C PHE B 510 15.67 13.11 21.10
N GLY B 511 16.77 13.53 20.48
CA GLY B 511 17.78 12.54 20.21
C GLY B 511 19.17 13.13 20.14
N VAL B 512 20.16 12.23 20.04
CA VAL B 512 21.56 12.62 19.93
C VAL B 512 22.18 11.75 18.85
N PHE B 513 22.97 12.34 17.95
CA PHE B 513 23.50 11.61 16.79
C PHE B 513 24.95 11.97 16.61
N ASN B 514 25.62 11.15 15.84
CA ASN B 514 27.01 11.38 15.49
C ASN B 514 27.30 10.50 14.28
N PHE B 515 27.59 11.13 13.14
CA PHE B 515 27.99 10.42 11.93
C PHE B 515 29.10 11.21 11.21
N SER B 516 29.65 10.63 10.15
CA SER B 516 30.68 11.36 9.38
C SER B 516 30.31 11.47 7.91
N THR B 517 30.63 12.63 7.29
CA THR B 517 30.51 12.72 5.85
C THR B 517 31.78 12.19 5.12
N LYS B 518 32.85 11.87 5.84
CA LYS B 518 34.09 11.52 5.16
C LYS B 518 34.58 10.11 5.49
N SER B 519 34.63 9.75 6.76
CA SER B 519 35.37 8.57 7.19
C SER B 519 35.03 8.22 8.62
N LEU B 520 34.99 6.92 8.96
CA LEU B 520 34.82 6.53 10.36
C LEU B 520 36.06 6.83 11.19
N GLY B 521 35.93 6.76 12.51
CA GLY B 521 37.08 6.95 13.35
C GLY B 521 36.90 7.93 14.49
N GLY B 522 36.15 9.02 14.28
CA GLY B 522 35.96 10.00 15.35
C GLY B 522 34.89 9.57 16.33
N GLU B 523 34.78 10.32 17.42
CA GLU B 523 33.75 10.00 18.38
C GLU B 523 33.41 11.21 19.23
N VAL B 524 32.28 11.12 19.95
CA VAL B 524 31.89 12.14 20.93
C VAL B 524 31.49 11.39 22.21
N LYS B 525 31.51 12.06 23.36
CA LYS B 525 30.99 11.46 24.57
C LYS B 525 29.73 12.20 25.01
N VAL B 526 28.64 11.49 25.24
CA VAL B 526 27.47 12.15 25.80
C VAL B 526 27.61 12.05 27.30
N LYS B 527 27.75 13.18 27.96
CA LYS B 527 27.96 13.15 29.39
C LYS B 527 26.68 12.91 30.16
N GLY B 528 25.59 13.42 29.62
CA GLY B 528 24.30 13.26 30.26
C GLY B 528 23.17 13.98 29.52
N PHE B 529 21.96 13.70 29.98
CA PHE B 529 20.75 14.29 29.41
C PHE B 529 19.79 14.66 30.55
N LYS B 530 19.06 15.75 30.40
CA LYS B 530 18.05 16.14 31.37
C LYS B 530 16.86 16.71 30.63
N MET B 531 15.66 16.29 31.01
CA MET B 531 14.43 16.86 30.43
C MET B 531 13.80 17.74 31.51
N ASN B 532 13.56 19.00 31.19
CA ASN B 532 12.88 19.88 32.13
C ASN B 532 11.47 20.17 31.63
N MET B 533 10.46 20.04 32.48
CA MET B 533 9.10 20.45 32.00
C MET B 533 9.04 21.99 31.86
N ILE B 534 8.47 22.48 30.77
CA ILE B 534 8.30 23.94 30.58
C ILE B 534 6.89 24.32 31.08
N LEU B 535 6.83 25.16 32.11
CA LEU B 535 5.57 25.48 32.81
C LEU B 535 5.02 26.90 32.58
#